data_3AN2
#
_entry.id   3AN2
#
_cell.length_a   65.840
_cell.length_b   83.290
_cell.length_c   176.830
_cell.angle_alpha   90.00
_cell.angle_beta   100.70
_cell.angle_gamma   90.00
#
_symmetry.space_group_name_H-M   'P 1 21 1'
#
loop_
_entity.id
_entity.type
_entity.pdbx_description
1 polymer 'Histone H3-like centromeric protein A'
2 polymer 'Histone H4'
3 polymer 'Histone H2A type 1-B/E'
4 polymer 'Histone H2B type 1-J'
5 polymer '147 mer DNA'
#
loop_
_entity_poly.entity_id
_entity_poly.type
_entity_poly.pdbx_seq_one_letter_code
_entity_poly.pdbx_strand_id
1 'polypeptide(L)'
;GSHMGPRRRSRKPEAPRRRSPSPTPTPGPSRRGPSLGASSHQHSRRRQGWLKEIRKLQKSTHLLIRKLPFSRLAREICVK
FTRGVDFNWQAQALLALQEAAEAFLVHLFEDAYLLTLHAGRVTLFPKDVQLARRIRGLEEGLG
;
A,E
2 'polypeptide(L)'
;GSHMSGRGKGGKGLGKGGAKRHRKVLRDNIQGITKPAIRRLARRGGVKRISGLIYEETRGVLKVFLENVIRDAVTYTEHA
KRKTVTAMDVVYALKRQGRTLYGFGG
;
B,F
3 'polypeptide(L)'
;GSHMSGRGKQGGKARAKAKTRSSRAGLQFPVGRVHRLLRKGNYSERVGAGAPVYLAAVLEYLTAEILELAGNAARDNKKT
RIIPRHLQLAIRNDEELNKLLGRVTIAQGGVLPNIQAVLLPKKTESHHKAKGK
;
C,G
4 'polypeptide(L)'
;GSH(MSE)PEPAKSAPAPKKGSKKAVTKAQKKDGKKRKRSRKESYSIYVYKVLKQVHPDTGISSKA(MSE)GI(MSE)NS
FVNDIFERIAGEASRLAHYNKRSTITSREIQTAVRLLLPGELAKHAVSEGTKAVTKYTSAK
;
D,H
5 'polydeoxyribonucleotide'
;(DA)(DT)(DC)(DC)(DT)(DT)(DC)(DG)(DT)(DT)(DG)(DG)(DA)(DA)(DA)(DC)(DG)(DG)(DG)(DA)
(DT)(DT)(DT)(DC)(DT)(DT)(DC)(DA)(DT)(DT)(DT)(DC)(DA)(DT)(DG)(DC)(DT)(DA)(DG)(DA)
(DC)(DA)(DG)(DA)(DA)(DG)(DA)(DA)(DT)(DT)(DC)(DT)(DC)(DA)(DG)(DT)(DA)(DA)(DC)(DT)
(DT)(DC)(DT)(DT)(DT)(DG)(DT)(DG)(DC)(DT)(DG)(DG)(DT)(DA)(DA)(DC)(DC)(DA)(DG)(DC)
(DA)(DC)(DA)(DA)(DA)(DG)(DA)(DA)(DG)(DT)(DT)(DA)(DC)(DT)(DG)(DA)(DG)(DA)(DA)(DT)
(DT)(DC)(DT)(DT)(DC)(DT)(DG)(DT)(DC)(DT)(DA)(DG)(DC)(DA)(DT)(DG)(DA)(DA)(DA)(DT)
(DG)(DA)(DA)(DG)(DA)(DA)(DA)(DT)(DC)(DC)(DC)(DG)(DT)(DT)(DT)(DC)(DC)(DA)(DA)(DC)
(DG)(DA)(DA)(DG)(DG)(DA)(DT)
;
I,J
#
# COMPACT_ATOMS: atom_id res chain seq x y z
N GLY A 49 24.92 -29.66 7.69
CA GLY A 49 24.64 -28.27 7.19
C GLY A 49 23.22 -27.82 7.48
N TRP A 50 22.42 -28.70 8.07
CA TRP A 50 21.03 -28.37 8.39
C TRP A 50 20.94 -27.43 9.59
N LEU A 51 20.45 -27.96 10.71
CA LEU A 51 20.29 -27.22 11.95
C LEU A 51 21.57 -26.50 12.34
N LYS A 52 22.62 -26.70 11.56
CA LYS A 52 23.90 -26.06 11.80
C LYS A 52 24.14 -24.84 10.92
N GLU A 53 23.88 -24.94 9.62
CA GLU A 53 24.10 -23.78 8.74
C GLU A 53 22.88 -22.87 8.58
N ILE A 54 21.69 -23.41 8.84
CA ILE A 54 20.47 -22.63 8.74
C ILE A 54 20.32 -21.78 10.02
N ARG A 55 21.46 -21.44 10.63
CA ARG A 55 21.51 -20.62 11.84
C ARG A 55 22.81 -19.85 11.88
N LYS A 56 23.52 -19.87 10.76
CA LYS A 56 24.77 -19.14 10.64
C LYS A 56 24.45 -17.93 9.77
N LEU A 57 23.66 -18.16 8.74
CA LEU A 57 23.27 -17.11 7.82
C LEU A 57 22.22 -16.17 8.42
N GLN A 58 21.35 -16.72 9.28
CA GLN A 58 20.36 -15.86 9.92
C GLN A 58 21.19 -14.89 10.77
N LYS A 59 22.25 -15.43 11.36
CA LYS A 59 23.13 -14.63 12.19
C LYS A 59 23.91 -13.68 11.31
N SER A 60 24.06 -14.00 10.03
CA SER A 60 24.79 -13.13 9.13
C SER A 60 23.88 -11.95 8.80
N THR A 61 24.39 -10.98 8.05
CA THR A 61 23.61 -9.80 7.72
C THR A 61 23.85 -9.31 6.29
N HIS A 62 24.97 -9.75 5.73
CA HIS A 62 25.38 -9.35 4.38
C HIS A 62 24.59 -9.97 3.24
N LEU A 63 25.07 -9.66 2.03
CA LEU A 63 24.48 -10.15 0.80
C LEU A 63 24.81 -11.62 0.62
N LEU A 64 24.03 -12.30 -0.22
CA LEU A 64 24.22 -13.72 -0.48
C LEU A 64 24.45 -13.99 -1.96
N ILE A 65 23.85 -13.15 -2.79
CA ILE A 65 23.99 -13.28 -4.23
C ILE A 65 25.16 -12.36 -4.62
N ARG A 66 26.15 -12.93 -5.29
CA ARG A 66 27.34 -12.20 -5.71
C ARG A 66 27.02 -10.85 -6.38
N LYS A 67 27.77 -9.83 -6.00
CA LYS A 67 27.57 -8.48 -6.51
C LYS A 67 27.60 -8.30 -8.02
N LEU A 68 28.70 -8.68 -8.66
CA LEU A 68 28.85 -8.49 -10.11
C LEU A 68 27.87 -9.25 -11.01
N PRO A 69 27.66 -10.55 -10.76
CA PRO A 69 26.72 -11.30 -11.60
C PRO A 69 25.35 -10.61 -11.57
N PHE A 70 25.06 -9.98 -10.43
CA PHE A 70 23.81 -9.27 -10.22
C PHE A 70 23.91 -7.91 -10.93
N SER A 71 25.03 -7.24 -10.75
CA SER A 71 25.29 -5.96 -11.38
C SER A 71 25.04 -6.11 -12.87
N ARG A 72 25.74 -7.05 -13.47
CA ARG A 72 25.59 -7.34 -14.89
C ARG A 72 24.08 -7.53 -15.16
N LEU A 73 23.44 -8.33 -14.33
CA LEU A 73 22.01 -8.63 -14.48
C LEU A 73 21.09 -7.42 -14.51
N ALA A 74 21.35 -6.42 -13.68
CA ALA A 74 20.48 -5.26 -13.67
C ALA A 74 20.65 -4.46 -14.94
N ARG A 75 21.90 -4.17 -15.30
CA ARG A 75 22.21 -3.38 -16.49
C ARG A 75 21.54 -3.92 -17.77
N GLU A 76 21.41 -5.23 -17.87
CA GLU A 76 20.79 -5.86 -19.03
C GLU A 76 19.27 -5.66 -18.98
N ILE A 77 18.61 -6.07 -17.89
CA ILE A 77 17.17 -5.88 -17.78
C ILE A 77 16.88 -4.38 -17.86
N CYS A 78 17.93 -3.57 -17.81
CA CYS A 78 17.83 -2.12 -17.89
C CYS A 78 17.78 -1.76 -19.39
N VAL A 79 18.47 -2.57 -20.17
CA VAL A 79 18.57 -2.37 -21.60
C VAL A 79 17.22 -2.41 -22.32
N LYS A 80 16.20 -2.98 -21.71
CA LYS A 80 14.91 -3.07 -22.38
C LYS A 80 14.10 -1.78 -22.35
N PHE A 81 13.78 -1.33 -21.15
CA PHE A 81 12.98 -0.13 -20.94
C PHE A 81 13.67 1.18 -21.37
N THR A 82 14.59 1.08 -22.33
CA THR A 82 15.32 2.27 -22.78
C THR A 82 15.55 2.37 -24.30
N ARG A 83 14.86 1.55 -25.08
CA ARG A 83 14.99 1.54 -26.55
C ARG A 83 16.32 0.89 -26.93
N GLY A 84 17.01 0.35 -25.94
CA GLY A 84 18.29 -0.28 -26.18
C GLY A 84 19.41 0.73 -26.00
N VAL A 85 19.64 1.13 -24.76
CA VAL A 85 20.68 2.13 -24.45
C VAL A 85 21.51 1.65 -23.26
N ASP A 86 22.49 2.46 -22.89
CA ASP A 86 23.32 2.20 -21.73
C ASP A 86 22.65 3.09 -20.71
N PHE A 87 23.19 3.12 -19.50
CA PHE A 87 22.61 3.96 -18.45
C PHE A 87 23.49 3.80 -17.24
N ASN A 88 24.07 4.88 -16.79
CA ASN A 88 24.91 4.77 -15.61
C ASN A 88 24.07 4.37 -14.41
N TRP A 89 24.61 3.46 -13.60
CA TRP A 89 23.94 3.01 -12.40
C TRP A 89 24.77 3.38 -11.18
N GLN A 90 24.33 4.42 -10.45
CA GLN A 90 25.03 4.81 -9.24
C GLN A 90 25.49 3.52 -8.60
N ALA A 91 26.78 3.39 -8.33
CA ALA A 91 27.26 2.18 -7.67
C ALA A 91 26.37 2.06 -6.44
N GLN A 92 25.92 3.23 -5.97
CA GLN A 92 25.03 3.36 -4.84
C GLN A 92 23.69 2.72 -5.13
N ALA A 93 23.06 3.19 -6.21
CA ALA A 93 21.76 2.71 -6.64
C ALA A 93 21.74 1.23 -6.92
N LEU A 94 22.91 0.61 -7.06
CA LEU A 94 22.91 -0.82 -7.34
C LEU A 94 22.74 -1.65 -6.08
N LEU A 95 23.55 -1.38 -5.06
CA LEU A 95 23.44 -2.13 -3.82
C LEU A 95 21.99 -2.11 -3.32
N ALA A 96 21.41 -0.92 -3.31
CA ALA A 96 20.02 -0.73 -2.87
C ALA A 96 19.18 -1.81 -3.50
N LEU A 97 19.21 -1.85 -4.83
CA LEU A 97 18.47 -2.85 -5.59
C LEU A 97 18.49 -4.21 -4.91
N GLN A 98 19.69 -4.76 -4.77
CA GLN A 98 19.95 -6.07 -4.15
C GLN A 98 19.38 -6.19 -2.75
N GLU A 99 19.86 -5.32 -1.85
CA GLU A 99 19.44 -5.31 -0.46
C GLU A 99 17.99 -5.70 -0.35
N ALA A 100 17.16 -5.09 -1.19
CA ALA A 100 15.74 -5.39 -1.19
C ALA A 100 15.46 -6.71 -1.90
N ALA A 101 16.04 -6.89 -3.08
CA ALA A 101 15.84 -8.12 -3.87
C ALA A 101 16.09 -9.33 -3.00
N GLU A 102 17.13 -9.25 -2.17
CA GLU A 102 17.46 -10.36 -1.26
C GLU A 102 16.32 -10.65 -0.27
N ALA A 103 16.12 -9.72 0.66
CA ALA A 103 15.07 -9.84 1.68
C ALA A 103 13.72 -10.15 1.05
N PHE A 104 13.64 -10.09 -0.28
CA PHE A 104 12.41 -10.39 -0.98
C PHE A 104 12.33 -11.88 -1.28
N LEU A 105 13.47 -12.49 -1.57
CA LEU A 105 13.54 -13.93 -1.87
C LEU A 105 13.57 -14.68 -0.55
N VAL A 106 14.31 -14.15 0.41
CA VAL A 106 14.39 -14.79 1.70
C VAL A 106 12.99 -14.82 2.29
N HIS A 107 12.48 -13.65 2.65
CA HIS A 107 11.14 -13.61 3.22
C HIS A 107 10.17 -14.38 2.33
N LEU A 108 10.33 -14.29 1.01
CA LEU A 108 9.41 -15.00 0.11
C LEU A 108 9.63 -16.50 0.16
N PHE A 109 10.79 -16.92 0.67
CA PHE A 109 11.04 -18.34 0.79
C PHE A 109 10.40 -18.81 2.11
N GLU A 110 10.79 -18.18 3.21
CA GLU A 110 10.24 -18.57 4.51
C GLU A 110 8.74 -18.36 4.56
N ASP A 111 8.25 -17.33 3.87
CA ASP A 111 6.82 -17.05 3.83
C ASP A 111 6.12 -18.16 3.05
N ALA A 112 6.91 -19.08 2.49
CA ALA A 112 6.37 -20.18 1.69
C ALA A 112 6.73 -21.53 2.30
N TYR A 113 7.90 -21.61 2.91
CA TYR A 113 8.33 -22.85 3.53
C TYR A 113 7.32 -23.27 4.61
N LEU A 114 6.37 -22.38 4.88
CA LEU A 114 5.31 -22.65 5.84
C LEU A 114 4.14 -23.22 5.06
N LEU A 115 4.31 -23.25 3.74
CA LEU A 115 3.29 -23.80 2.86
C LEU A 115 3.69 -25.25 2.57
N THR A 116 5.00 -25.51 2.62
CA THR A 116 5.53 -26.85 2.39
C THR A 116 5.18 -27.65 3.63
N LEU A 117 5.67 -27.15 4.77
CA LEU A 117 5.44 -27.76 6.06
C LEU A 117 3.95 -27.93 6.33
N HIS A 118 3.11 -27.47 5.40
CA HIS A 118 1.67 -27.59 5.56
C HIS A 118 1.22 -28.93 5.00
N ALA A 119 1.71 -29.25 3.82
CA ALA A 119 1.38 -30.52 3.18
C ALA A 119 2.21 -31.62 3.84
N GLY A 120 2.78 -31.30 5.00
CA GLY A 120 3.59 -32.26 5.73
C GLY A 120 4.81 -32.72 4.95
N ARG A 121 5.72 -31.79 4.71
CA ARG A 121 6.94 -32.08 3.96
C ARG A 121 8.06 -31.31 4.63
N VAL A 122 9.22 -31.26 3.99
CA VAL A 122 10.37 -30.54 4.52
C VAL A 122 11.23 -30.15 3.32
N THR A 123 10.65 -30.30 2.14
CA THR A 123 11.36 -29.94 0.94
C THR A 123 10.58 -28.85 0.18
N LEU A 124 11.15 -27.66 0.13
CA LEU A 124 10.52 -26.55 -0.56
C LEU A 124 10.37 -26.97 -2.00
N PHE A 125 9.32 -26.48 -2.66
CA PHE A 125 9.09 -26.84 -4.04
C PHE A 125 8.67 -25.62 -4.82
N PRO A 126 8.71 -25.72 -6.15
CA PRO A 126 8.30 -24.61 -7.01
C PRO A 126 6.78 -24.57 -6.95
N LYS A 127 6.24 -25.43 -6.09
CA LYS A 127 4.81 -25.56 -5.91
C LYS A 127 4.41 -24.54 -4.86
N ASP A 128 5.35 -24.28 -3.95
CA ASP A 128 5.13 -23.35 -2.85
C ASP A 128 5.49 -21.90 -3.15
N VAL A 129 6.61 -21.68 -3.84
CA VAL A 129 7.05 -20.34 -4.19
C VAL A 129 6.28 -19.81 -5.41
N GLN A 130 4.98 -20.07 -5.40
CA GLN A 130 4.08 -19.62 -6.44
C GLN A 130 2.66 -19.64 -5.88
N LEU A 131 2.45 -20.34 -4.77
CA LEU A 131 1.13 -20.33 -4.17
C LEU A 131 1.03 -18.97 -3.50
N ALA A 132 2.04 -18.64 -2.70
CA ALA A 132 2.06 -17.36 -2.00
C ALA A 132 2.13 -16.18 -2.98
N ARG A 133 2.89 -16.31 -4.06
CA ARG A 133 2.96 -15.25 -5.05
C ARG A 133 1.60 -15.17 -5.74
N ARG A 134 0.59 -15.71 -5.05
CA ARG A 134 -0.80 -15.73 -5.51
C ARG A 134 -1.67 -15.62 -4.25
N ILE A 135 -1.00 -15.54 -3.10
CA ILE A 135 -1.69 -15.40 -1.83
C ILE A 135 -1.13 -14.15 -1.16
N ARG A 136 -0.74 -13.18 -1.99
CA ARG A 136 -0.20 -11.90 -1.53
C ARG A 136 -0.85 -10.77 -2.34
N GLY A 137 -0.91 -10.95 -3.66
CA GLY A 137 -1.52 -9.96 -4.52
C GLY A 137 -0.62 -9.48 -5.65
N ASN B 29 23.20 -15.36 -18.69
CA ASN B 29 23.47 -14.21 -17.78
C ASN B 29 22.73 -14.46 -16.48
N ILE B 30 21.51 -14.94 -16.62
CA ILE B 30 20.62 -15.25 -15.50
C ILE B 30 21.31 -16.27 -14.60
N GLN B 31 22.16 -17.10 -15.20
CA GLN B 31 22.89 -18.10 -14.44
C GLN B 31 23.94 -17.36 -13.63
N GLY B 32 23.77 -16.04 -13.51
CA GLY B 32 24.70 -15.22 -12.74
C GLY B 32 24.55 -15.59 -11.29
N ILE B 33 23.35 -16.03 -10.94
CA ILE B 33 23.03 -16.46 -9.59
C ILE B 33 23.39 -17.95 -9.57
N THR B 34 24.37 -18.33 -8.74
CA THR B 34 24.82 -19.72 -8.63
C THR B 34 23.78 -20.70 -8.03
N LYS B 35 24.26 -21.68 -7.29
CA LYS B 35 23.40 -22.66 -6.63
C LYS B 35 23.41 -22.32 -5.13
N PRO B 36 24.60 -22.41 -4.48
CA PRO B 36 24.67 -22.09 -3.05
C PRO B 36 24.21 -20.67 -2.81
N ALA B 37 24.28 -19.84 -3.84
CA ALA B 37 23.82 -18.47 -3.70
C ALA B 37 22.35 -18.59 -3.34
N ILE B 38 21.52 -18.85 -4.36
CA ILE B 38 20.08 -19.00 -4.18
C ILE B 38 19.80 -19.88 -2.97
N ARG B 39 20.66 -20.84 -2.73
CA ARG B 39 20.45 -21.68 -1.57
C ARG B 39 20.61 -20.77 -0.35
N ARG B 40 21.83 -20.33 -0.07
CA ARG B 40 22.09 -19.47 1.08
C ARG B 40 20.87 -18.65 1.42
N LEU B 41 20.30 -18.05 0.39
CA LEU B 41 19.09 -17.26 0.56
C LEU B 41 18.09 -18.24 1.17
N ALA B 42 17.60 -19.13 0.31
CA ALA B 42 16.64 -20.14 0.72
C ALA B 42 16.99 -20.71 2.09
N ARG B 43 18.27 -20.70 2.43
CA ARG B 43 18.68 -21.20 3.74
C ARG B 43 18.33 -20.16 4.80
N ARG B 44 18.84 -18.93 4.64
CA ARG B 44 18.58 -17.86 5.61
C ARG B 44 17.11 -17.85 6.07
N GLY B 45 16.21 -18.07 5.12
CA GLY B 45 14.79 -18.06 5.42
C GLY B 45 14.31 -19.25 6.23
N GLY B 46 15.18 -20.21 6.47
CA GLY B 46 14.79 -21.37 7.25
C GLY B 46 14.18 -22.47 6.41
N VAL B 47 14.97 -22.98 5.46
CA VAL B 47 14.55 -24.05 4.57
C VAL B 47 15.53 -25.22 4.70
N LYS B 48 14.99 -26.42 4.83
CA LYS B 48 15.82 -27.61 4.95
C LYS B 48 16.16 -28.18 3.56
N ARG B 49 15.30 -29.06 3.07
CA ARG B 49 15.54 -29.69 1.77
C ARG B 49 15.09 -28.80 0.62
N ILE B 50 16.06 -28.23 -0.08
CA ILE B 50 15.78 -27.36 -1.23
C ILE B 50 15.64 -28.21 -2.50
N SER B 51 14.39 -28.40 -2.92
CA SER B 51 14.03 -29.18 -4.10
C SER B 51 14.80 -28.84 -5.39
N GLY B 52 14.46 -29.54 -6.47
CA GLY B 52 15.11 -29.33 -7.74
C GLY B 52 14.82 -27.97 -8.34
N LEU B 53 13.96 -27.97 -9.36
CA LEU B 53 13.58 -26.75 -10.09
C LEU B 53 13.68 -25.46 -9.33
N ILE B 54 13.53 -25.53 -8.01
CA ILE B 54 13.62 -24.35 -7.18
C ILE B 54 14.66 -23.35 -7.68
N TYR B 55 15.88 -23.82 -7.91
CA TYR B 55 16.96 -22.97 -8.39
C TYR B 55 16.55 -22.04 -9.54
N GLU B 56 15.62 -22.49 -10.38
CA GLU B 56 15.15 -21.69 -11.50
C GLU B 56 13.84 -20.97 -11.19
N GLU B 57 13.23 -21.34 -10.07
CA GLU B 57 11.99 -20.73 -9.61
C GLU B 57 12.42 -19.50 -8.80
N THR B 58 13.71 -19.20 -8.84
CA THR B 58 14.30 -18.05 -8.15
C THR B 58 14.87 -17.11 -9.19
N ARG B 59 15.53 -17.70 -10.18
CA ARG B 59 16.08 -16.92 -11.29
C ARG B 59 14.83 -16.38 -11.98
N GLY B 60 13.79 -17.22 -11.98
CA GLY B 60 12.54 -16.84 -12.57
C GLY B 60 12.01 -15.65 -11.82
N VAL B 61 11.63 -15.86 -10.56
CA VAL B 61 11.10 -14.80 -9.71
C VAL B 61 11.94 -13.54 -9.69
N LEU B 62 13.20 -13.66 -9.27
CA LEU B 62 14.10 -12.51 -9.21
C LEU B 62 14.07 -11.78 -10.54
N LYS B 63 13.64 -12.46 -11.59
CA LYS B 63 13.57 -11.82 -12.91
C LYS B 63 12.33 -10.92 -13.01
N VAL B 64 11.19 -11.41 -12.54
CA VAL B 64 9.95 -10.61 -12.59
C VAL B 64 10.15 -9.33 -11.80
N PHE B 65 10.85 -9.47 -10.67
CA PHE B 65 11.16 -8.42 -9.71
C PHE B 65 12.04 -7.31 -10.28
N LEU B 66 13.32 -7.60 -10.43
CA LEU B 66 14.23 -6.61 -10.98
C LEU B 66 13.59 -5.91 -12.17
N GLU B 67 12.71 -6.63 -12.85
CA GLU B 67 11.97 -6.05 -13.98
C GLU B 67 11.07 -4.94 -13.48
N ASN B 68 9.87 -5.30 -13.02
CA ASN B 68 8.93 -4.31 -12.50
C ASN B 68 9.64 -3.21 -11.69
N VAL B 69 10.75 -3.55 -11.05
CA VAL B 69 11.49 -2.58 -10.24
C VAL B 69 12.41 -1.68 -11.03
N ILE B 70 13.03 -2.19 -12.08
CA ILE B 70 13.92 -1.37 -12.87
C ILE B 70 13.19 -0.50 -13.91
N ARG B 71 12.08 -1.00 -14.43
CA ARG B 71 11.27 -0.27 -15.41
C ARG B 71 10.65 0.94 -14.73
N ASP B 72 10.33 0.78 -13.45
CA ASP B 72 9.75 1.88 -12.71
C ASP B 72 10.85 2.90 -12.46
N ALA B 73 11.86 2.44 -11.74
CA ALA B 73 13.01 3.24 -11.36
C ALA B 73 13.73 3.84 -12.54
N VAL B 74 13.35 3.46 -13.76
CA VAL B 74 14.04 4.02 -14.89
C VAL B 74 13.19 5.11 -15.53
N THR B 75 11.87 4.96 -15.44
CA THR B 75 11.01 5.96 -16.00
C THR B 75 11.27 7.29 -15.27
N TYR B 76 11.40 7.23 -13.93
CA TYR B 76 11.67 8.41 -13.07
C TYR B 76 13.00 9.00 -13.45
N THR B 77 13.93 8.14 -13.84
CA THR B 77 15.24 8.63 -14.20
C THR B 77 15.26 9.28 -15.59
N GLU B 78 14.34 8.88 -16.46
CA GLU B 78 14.30 9.48 -17.80
C GLU B 78 13.47 10.77 -17.75
N HIS B 79 12.90 11.03 -16.58
CA HIS B 79 12.08 12.22 -16.36
C HIS B 79 13.01 13.37 -16.10
N ALA B 80 14.01 13.14 -15.25
CA ALA B 80 14.98 14.17 -14.94
C ALA B 80 16.01 14.27 -16.08
N LYS B 81 15.75 13.56 -17.16
CA LYS B 81 16.65 13.54 -18.31
C LYS B 81 18.07 13.27 -17.80
N ARG B 82 18.25 12.06 -17.27
CA ARG B 82 19.52 11.62 -16.74
C ARG B 82 19.95 10.31 -17.39
N LYS B 83 21.25 10.10 -17.54
CA LYS B 83 21.73 8.86 -18.16
C LYS B 83 22.23 7.94 -17.03
N THR B 84 22.13 8.44 -15.79
CA THR B 84 22.55 7.67 -14.62
C THR B 84 21.38 7.45 -13.68
N VAL B 85 21.01 6.19 -13.42
CA VAL B 85 19.92 5.96 -12.50
C VAL B 85 20.43 6.27 -11.12
N THR B 86 19.61 6.94 -10.34
CA THR B 86 19.99 7.34 -8.99
C THR B 86 19.49 6.41 -7.89
N ALA B 87 20.28 6.33 -6.82
CA ALA B 87 19.93 5.49 -5.71
C ALA B 87 18.47 5.77 -5.45
N MET B 88 18.13 7.05 -5.30
CA MET B 88 16.76 7.48 -5.06
C MET B 88 15.84 7.14 -6.21
N ASP B 89 16.41 6.96 -7.40
CA ASP B 89 15.60 6.61 -8.53
C ASP B 89 15.00 5.22 -8.30
N VAL B 90 15.74 4.36 -7.60
CA VAL B 90 15.26 3.01 -7.28
C VAL B 90 14.25 3.06 -6.12
N VAL B 91 14.71 3.55 -4.97
CA VAL B 91 13.88 3.65 -3.77
C VAL B 91 12.45 4.14 -4.06
N TYR B 92 12.32 5.23 -4.82
CA TYR B 92 11.00 5.74 -5.12
C TYR B 92 10.19 4.64 -5.74
N ALA B 93 10.86 3.83 -6.56
CA ALA B 93 10.24 2.72 -7.30
C ALA B 93 9.79 1.53 -6.42
N LEU B 94 10.55 1.24 -5.37
CA LEU B 94 10.15 0.16 -4.49
C LEU B 94 8.93 0.70 -3.79
N LYS B 95 9.03 1.98 -3.39
CA LYS B 95 7.96 2.70 -2.68
C LYS B 95 6.69 2.76 -3.53
N ARG B 96 6.70 2.06 -4.64
CA ARG B 96 5.55 2.01 -5.53
C ARG B 96 5.09 0.58 -5.56
N GLN B 97 6.02 -0.34 -5.45
CA GLN B 97 5.68 -1.75 -5.47
C GLN B 97 5.06 -2.12 -4.15
N GLY B 98 5.35 -1.32 -3.12
CA GLY B 98 4.84 -1.59 -1.80
C GLY B 98 5.95 -1.96 -0.84
N ARG B 99 7.20 -1.75 -1.25
CA ARG B 99 8.37 -2.04 -0.42
C ARG B 99 9.14 -0.77 -0.11
N THR B 100 9.11 -0.35 1.15
CA THR B 100 9.80 0.87 1.58
C THR B 100 11.24 0.62 2.01
N LEU B 101 12.16 0.72 1.07
CA LEU B 101 13.56 0.50 1.41
C LEU B 101 14.00 1.69 2.23
N TYR B 102 14.89 1.45 3.19
CA TYR B 102 15.37 2.50 4.08
C TYR B 102 16.73 3.10 3.80
N GLY B 103 17.75 2.44 4.32
CA GLY B 103 19.14 2.88 4.22
C GLY B 103 19.77 3.48 2.96
N PHE B 104 19.12 4.41 2.30
CA PHE B 104 19.69 4.99 1.10
C PHE B 104 19.32 6.43 0.79
N GLY B 105 18.39 7.00 1.56
CA GLY B 105 17.98 8.38 1.31
C GLY B 105 19.16 9.22 0.83
N GLY B 106 19.14 9.60 -0.45
CA GLY B 106 20.22 10.39 -1.04
C GLY B 106 20.71 11.64 -0.33
N THR C 20 -16.28 25.47 -24.55
CA THR C 20 -15.56 25.17 -23.28
C THR C 20 -14.11 24.78 -23.55
N ARG C 21 -13.30 24.67 -22.50
CA ARG C 21 -11.91 24.27 -22.72
C ARG C 21 -11.87 22.79 -23.14
N SER C 22 -12.87 22.01 -22.72
CA SER C 22 -12.93 20.61 -23.10
C SER C 22 -13.30 20.55 -24.57
N SER C 23 -13.71 21.71 -25.09
CA SER C 23 -14.08 21.83 -26.49
C SER C 23 -12.82 21.88 -27.32
N ARG C 24 -11.91 22.77 -26.96
CA ARG C 24 -10.65 22.89 -27.68
C ARG C 24 -9.91 21.56 -27.62
N ALA C 25 -9.82 21.00 -26.41
CA ALA C 25 -9.16 19.72 -26.18
C ALA C 25 -10.04 18.64 -26.78
N GLY C 26 -11.29 19.03 -27.06
CA GLY C 26 -12.26 18.15 -27.66
C GLY C 26 -12.64 16.95 -26.82
N LEU C 27 -12.75 17.15 -25.50
CA LEU C 27 -13.10 16.08 -24.59
C LEU C 27 -14.57 16.09 -24.23
N GLN C 28 -14.87 15.59 -23.04
CA GLN C 28 -16.22 15.55 -22.56
C GLN C 28 -16.20 15.66 -21.04
N PHE C 29 -15.01 15.38 -20.50
CA PHE C 29 -14.72 15.43 -19.08
C PHE C 29 -14.07 16.76 -18.83
N PRO C 30 -14.65 17.55 -17.91
CA PRO C 30 -14.27 18.87 -17.46
C PRO C 30 -12.79 19.21 -17.29
N VAL C 31 -12.20 19.74 -18.36
CA VAL C 31 -10.81 20.16 -18.34
C VAL C 31 -10.81 21.28 -17.34
N GLY C 32 -11.96 21.92 -17.22
CA GLY C 32 -12.09 23.02 -16.30
C GLY C 32 -12.06 22.59 -14.87
N ARG C 33 -12.99 21.69 -14.50
CA ARG C 33 -13.09 21.19 -13.13
C ARG C 33 -11.77 20.62 -12.58
N VAL C 34 -11.16 19.72 -13.35
CA VAL C 34 -9.90 19.09 -12.96
C VAL C 34 -8.86 20.12 -12.56
N HIS C 35 -8.58 21.07 -13.44
CA HIS C 35 -7.62 22.12 -13.15
C HIS C 35 -7.82 22.57 -11.68
N ARG C 36 -9.02 23.04 -11.33
CA ARG C 36 -9.27 23.46 -9.95
C ARG C 36 -8.97 22.30 -9.01
N LEU C 37 -9.77 21.25 -9.16
CA LEU C 37 -9.64 20.06 -8.34
C LEU C 37 -8.22 19.63 -8.26
N LEU C 38 -7.37 20.27 -9.06
CA LEU C 38 -5.95 19.92 -9.08
C LEU C 38 -5.08 20.99 -8.39
N ARG C 39 -5.55 22.25 -8.35
CA ARG C 39 -4.79 23.33 -7.71
C ARG C 39 -5.31 23.50 -6.30
N LYS C 40 -6.51 22.97 -6.06
CA LYS C 40 -7.20 23.03 -4.77
C LYS C 40 -6.76 21.89 -3.83
N GLY C 41 -6.25 20.81 -4.44
CA GLY C 41 -5.78 19.69 -3.66
C GLY C 41 -4.35 19.91 -3.20
N ASN C 42 -3.77 21.03 -3.61
CA ASN C 42 -2.41 21.38 -3.23
C ASN C 42 -1.36 20.45 -3.78
N TYR C 43 -1.70 19.69 -4.81
CA TYR C 43 -0.76 18.77 -5.40
C TYR C 43 0.45 19.55 -5.88
N SER C 44 0.32 20.87 -5.82
CA SER C 44 1.37 21.80 -6.22
C SER C 44 0.91 23.22 -5.91
N GLU C 45 1.67 24.20 -6.36
CA GLU C 45 1.30 25.58 -6.15
C GLU C 45 1.27 26.27 -7.51
N ARG C 46 1.73 25.55 -8.53
CA ARG C 46 1.76 26.08 -9.88
C ARG C 46 1.44 24.97 -10.88
N VAL C 47 0.25 25.03 -11.46
CA VAL C 47 -0.23 24.04 -12.40
C VAL C 47 -0.08 24.40 -13.88
N GLY C 48 0.57 23.53 -14.64
CA GLY C 48 0.75 23.78 -16.05
C GLY C 48 -0.59 23.95 -16.73
N ALA C 49 -0.58 24.33 -18.02
CA ALA C 49 -1.81 24.55 -18.77
C ALA C 49 -2.19 23.36 -19.60
N GLY C 50 -1.23 22.47 -19.83
CA GLY C 50 -1.50 21.28 -20.62
C GLY C 50 -1.95 20.14 -19.73
N ALA C 51 -1.45 20.14 -18.48
CA ALA C 51 -1.75 19.15 -17.46
C ALA C 51 -3.25 18.81 -17.24
N PRO C 52 -4.04 19.75 -16.71
CA PRO C 52 -5.46 19.49 -16.48
C PRO C 52 -6.20 19.13 -17.75
N VAL C 53 -5.57 19.42 -18.89
CA VAL C 53 -6.18 19.10 -20.18
C VAL C 53 -5.87 17.63 -20.45
N TYR C 54 -4.63 17.27 -20.14
CA TYR C 54 -4.12 15.92 -20.33
C TYR C 54 -4.89 14.95 -19.45
N LEU C 55 -4.88 15.20 -18.14
CA LEU C 55 -5.57 14.36 -17.17
C LEU C 55 -7.06 14.17 -17.52
N ALA C 56 -7.68 15.19 -18.07
CA ALA C 56 -9.08 15.07 -18.43
C ALA C 56 -9.24 14.02 -19.53
N ALA C 57 -8.28 13.94 -20.43
CA ALA C 57 -8.37 12.95 -21.51
C ALA C 57 -8.04 11.53 -21.01
N VAL C 58 -7.09 11.45 -20.08
CA VAL C 58 -6.65 10.19 -19.51
C VAL C 58 -7.75 9.64 -18.63
N LEU C 59 -8.54 10.53 -18.04
CA LEU C 59 -9.63 10.07 -17.19
C LEU C 59 -10.75 9.51 -18.07
N GLU C 60 -11.08 10.27 -19.13
CA GLU C 60 -12.12 9.89 -20.09
C GLU C 60 -11.88 8.52 -20.69
N TYR C 61 -10.65 8.31 -21.14
CA TYR C 61 -10.26 7.02 -21.72
C TYR C 61 -10.60 5.89 -20.78
N LEU C 62 -9.87 5.83 -19.66
CA LEU C 62 -10.07 4.80 -18.64
C LEU C 62 -11.54 4.58 -18.28
N THR C 63 -12.28 5.67 -18.08
CA THR C 63 -13.71 5.54 -17.75
C THR C 63 -14.52 4.97 -18.91
N ALA C 64 -14.23 5.40 -20.13
CA ALA C 64 -14.95 4.88 -21.29
C ALA C 64 -14.47 3.45 -21.45
N GLU C 65 -13.20 3.25 -21.15
CA GLU C 65 -12.57 1.96 -21.26
C GLU C 65 -13.37 0.90 -20.54
N ILE C 66 -13.30 0.94 -19.22
CA ILE C 66 -13.98 -0.04 -18.38
C ILE C 66 -15.46 -0.23 -18.75
N LEU C 67 -16.16 0.86 -19.03
CA LEU C 67 -17.56 0.75 -19.41
C LEU C 67 -17.64 -0.17 -20.60
N GLU C 68 -16.79 0.09 -21.60
CA GLU C 68 -16.76 -0.71 -22.82
C GLU C 68 -16.92 -2.20 -22.51
N LEU C 69 -16.24 -2.70 -21.48
CA LEU C 69 -16.34 -4.11 -21.12
C LEU C 69 -17.56 -4.36 -20.25
N ALA C 70 -17.77 -3.50 -19.26
CA ALA C 70 -18.90 -3.66 -18.37
C ALA C 70 -20.17 -3.86 -19.18
N GLY C 71 -20.27 -3.07 -20.25
CA GLY C 71 -21.44 -3.10 -21.12
C GLY C 71 -21.50 -4.10 -22.26
N ASN C 72 -20.40 -4.77 -22.57
CA ASN C 72 -20.42 -5.80 -23.62
C ASN C 72 -20.89 -7.06 -22.93
N ALA C 73 -20.28 -7.35 -21.78
CA ALA C 73 -20.64 -8.53 -20.99
C ALA C 73 -22.02 -8.30 -20.36
N ALA C 74 -22.52 -7.08 -20.48
CA ALA C 74 -23.83 -6.72 -19.96
C ALA C 74 -24.86 -7.19 -20.99
N ARG C 75 -24.54 -7.01 -22.26
CA ARG C 75 -25.43 -7.46 -23.32
C ARG C 75 -25.09 -8.93 -23.49
N ASP C 76 -23.86 -9.29 -23.13
CA ASP C 76 -23.38 -10.67 -23.22
C ASP C 76 -24.27 -11.52 -22.31
N ASN C 77 -24.30 -11.14 -21.05
CA ASN C 77 -25.08 -11.81 -20.01
C ASN C 77 -26.60 -11.56 -20.18
N LYS C 78 -26.99 -11.12 -21.37
CA LYS C 78 -28.40 -10.82 -21.66
C LYS C 78 -29.09 -9.91 -20.63
N LYS C 79 -28.84 -8.61 -20.74
CA LYS C 79 -29.40 -7.57 -19.88
C LYS C 79 -29.09 -6.25 -20.58
N THR C 80 -30.03 -5.30 -20.60
CA THR C 80 -29.76 -4.02 -21.29
C THR C 80 -29.40 -2.85 -20.39
N ARG C 81 -29.42 -3.07 -19.08
CA ARG C 81 -29.02 -2.02 -18.16
C ARG C 81 -27.79 -2.45 -17.40
N ILE C 82 -26.86 -1.50 -17.20
CA ILE C 82 -25.63 -1.77 -16.48
C ILE C 82 -25.85 -1.73 -14.97
N ILE C 83 -25.45 -2.80 -14.32
CA ILE C 83 -25.55 -2.90 -12.88
C ILE C 83 -24.12 -3.05 -12.40
N PRO C 84 -23.87 -2.76 -11.12
CA PRO C 84 -22.51 -2.89 -10.58
C PRO C 84 -21.86 -4.22 -10.95
N ARG C 85 -22.65 -5.28 -11.00
CA ARG C 85 -22.12 -6.59 -11.35
C ARG C 85 -21.37 -6.51 -12.68
N HIS C 86 -21.93 -5.80 -13.64
CA HIS C 86 -21.28 -5.69 -14.91
C HIS C 86 -19.96 -4.96 -14.74
N LEU C 87 -19.92 -3.95 -13.88
CA LEU C 87 -18.66 -3.26 -13.68
C LEU C 87 -17.67 -4.24 -13.08
N GLN C 88 -18.14 -5.10 -12.17
CA GLN C 88 -17.25 -6.07 -11.54
C GLN C 88 -16.68 -7.08 -12.51
N LEU C 89 -17.40 -7.35 -13.60
CA LEU C 89 -16.94 -8.32 -14.59
C LEU C 89 -15.95 -7.77 -15.61
N ALA C 90 -16.20 -6.55 -16.09
CA ALA C 90 -15.29 -5.94 -17.05
C ALA C 90 -13.92 -5.86 -16.40
N ILE C 91 -13.92 -5.68 -15.09
CA ILE C 91 -12.71 -5.57 -14.28
C ILE C 91 -11.90 -6.85 -14.24
N ARG C 92 -12.44 -7.84 -13.53
CA ARG C 92 -11.81 -9.14 -13.35
C ARG C 92 -11.65 -9.89 -14.67
N ASN C 93 -12.10 -9.28 -15.77
CA ASN C 93 -11.99 -9.86 -17.11
C ASN C 93 -11.27 -8.94 -18.09
N ASP C 94 -10.18 -8.35 -17.62
CA ASP C 94 -9.32 -7.47 -18.39
C ASP C 94 -7.97 -7.58 -17.72
N GLU C 95 -7.11 -8.42 -18.27
CA GLU C 95 -5.79 -8.62 -17.71
C GLU C 95 -5.20 -7.29 -17.28
N GLU C 96 -5.43 -6.25 -18.08
CA GLU C 96 -4.91 -4.93 -17.76
C GLU C 96 -5.68 -4.15 -16.70
N LEU C 97 -6.97 -4.46 -16.53
CA LEU C 97 -7.77 -3.77 -15.51
C LEU C 97 -7.63 -4.39 -14.13
N ASN C 98 -7.59 -5.73 -14.05
CA ASN C 98 -7.47 -6.38 -12.76
C ASN C 98 -6.15 -5.96 -12.13
N LYS C 99 -5.10 -5.91 -12.94
CA LYS C 99 -3.82 -5.47 -12.41
C LYS C 99 -4.04 -4.10 -11.72
N LEU C 100 -4.49 -3.10 -12.48
CA LEU C 100 -4.74 -1.77 -11.93
C LEU C 100 -5.65 -1.75 -10.72
N LEU C 101 -6.82 -2.39 -10.85
CA LEU C 101 -7.80 -2.45 -9.76
C LEU C 101 -7.57 -3.63 -8.83
N GLY C 102 -6.34 -3.69 -8.33
CA GLY C 102 -5.96 -4.73 -7.40
C GLY C 102 -6.58 -4.48 -6.04
N ARG C 103 -6.28 -3.34 -5.42
CA ARG C 103 -6.84 -3.04 -4.10
C ARG C 103 -8.22 -2.35 -4.12
N VAL C 104 -9.16 -2.94 -4.85
CA VAL C 104 -10.53 -2.41 -4.97
C VAL C 104 -11.60 -3.51 -4.80
N THR C 105 -12.85 -3.10 -4.53
CA THR C 105 -13.97 -4.04 -4.39
C THR C 105 -15.29 -3.33 -4.68
N ILE C 106 -16.02 -3.81 -5.68
CA ILE C 106 -17.30 -3.23 -6.07
C ILE C 106 -18.47 -3.63 -5.18
N ALA C 107 -19.27 -2.65 -4.81
CA ALA C 107 -20.45 -2.87 -3.96
C ALA C 107 -21.50 -3.70 -4.67
N GLN C 108 -21.79 -4.88 -4.12
CA GLN C 108 -22.76 -5.78 -4.72
C GLN C 108 -22.17 -6.18 -6.06
N GLY C 109 -21.28 -7.17 -6.07
CA GLY C 109 -20.68 -7.59 -7.33
C GLY C 109 -20.26 -9.03 -7.44
N GLY C 110 -20.70 -9.86 -6.49
CA GLY C 110 -20.34 -11.28 -6.51
C GLY C 110 -18.90 -11.49 -6.90
N VAL C 111 -18.63 -12.57 -7.62
CA VAL C 111 -17.28 -12.87 -8.04
C VAL C 111 -17.28 -13.62 -9.38
N LEU C 112 -16.10 -14.03 -9.83
CA LEU C 112 -15.98 -14.77 -11.07
C LEU C 112 -16.34 -16.22 -10.75
N PRO C 113 -17.51 -16.68 -11.23
CA PRO C 113 -17.91 -18.06 -10.95
C PRO C 113 -16.76 -19.00 -11.27
N ASN C 114 -15.97 -19.34 -10.25
CA ASN C 114 -14.81 -20.20 -10.44
C ASN C 114 -14.59 -21.19 -9.30
N ILE C 115 -14.62 -22.48 -9.64
CA ILE C 115 -14.42 -23.57 -8.66
C ILE C 115 -13.10 -24.30 -8.92
N GLN C 116 -11.98 -23.61 -8.66
CA GLN C 116 -10.59 -24.10 -8.85
C GLN C 116 -10.42 -25.40 -9.62
N GLU D 39 -21.97 18.32 -6.60
CA GLU D 39 -21.30 18.27 -7.94
C GLU D 39 -20.40 17.06 -8.07
N SER D 40 -20.72 16.19 -9.03
CA SER D 40 -19.93 14.98 -9.27
C SER D 40 -19.83 14.71 -10.76
N TYR D 41 -18.90 13.84 -11.14
CA TYR D 41 -18.67 13.51 -12.54
C TYR D 41 -19.74 12.63 -13.23
N SER D 42 -20.71 12.12 -12.46
CA SER D 42 -21.77 11.25 -13.00
C SER D 42 -22.60 11.88 -14.12
N ILE D 43 -22.23 13.10 -14.49
CA ILE D 43 -22.91 13.83 -15.55
C ILE D 43 -21.98 13.71 -16.74
N TYR D 44 -20.74 13.34 -16.45
CA TYR D 44 -19.74 13.14 -17.47
C TYR D 44 -19.51 11.64 -17.69
N VAL D 45 -19.63 10.86 -16.62
CA VAL D 45 -19.47 9.43 -16.75
C VAL D 45 -20.62 8.97 -17.64
N TYR D 46 -21.82 9.43 -17.35
CA TYR D 46 -22.96 9.03 -18.15
C TYR D 46 -22.83 9.52 -19.58
N LYS D 47 -22.27 10.71 -19.77
CA LYS D 47 -22.11 11.27 -21.11
C LYS D 47 -21.29 10.35 -22.01
N VAL D 48 -20.26 9.75 -21.42
CA VAL D 48 -19.38 8.82 -22.11
C VAL D 48 -20.05 7.45 -22.21
N LEU D 49 -20.83 7.10 -21.20
CA LEU D 49 -21.55 5.82 -21.18
C LEU D 49 -22.28 5.64 -22.52
N LYS D 50 -23.37 6.36 -22.69
CA LYS D 50 -24.15 6.26 -23.91
C LYS D 50 -23.44 6.87 -25.13
N GLN D 51 -22.12 6.85 -25.09
CA GLN D 51 -21.36 7.31 -26.22
C GLN D 51 -20.92 5.98 -26.79
N VAL D 52 -20.42 5.13 -25.90
CA VAL D 52 -19.98 3.79 -26.25
C VAL D 52 -21.11 2.87 -25.77
N HIS D 53 -22.12 2.71 -26.62
CA HIS D 53 -23.33 1.93 -26.35
C HIS D 53 -24.45 2.93 -26.11
N PRO D 54 -24.65 3.87 -27.05
CA PRO D 54 -25.70 4.89 -26.91
C PRO D 54 -27.04 4.22 -26.66
N ASP D 55 -27.08 2.91 -26.84
CA ASP D 55 -28.30 2.12 -26.66
C ASP D 55 -28.50 1.70 -25.21
N THR D 56 -27.40 1.41 -24.53
CA THR D 56 -27.40 0.93 -23.13
C THR D 56 -27.57 2.02 -22.06
N GLY D 57 -28.09 1.62 -20.90
CA GLY D 57 -28.28 2.54 -19.78
C GLY D 57 -27.36 2.15 -18.64
N ILE D 58 -27.67 2.58 -17.42
CA ILE D 58 -26.84 2.27 -16.24
C ILE D 58 -27.64 2.44 -14.94
N SER D 59 -27.40 1.60 -13.93
CA SER D 59 -28.12 1.76 -12.66
C SER D 59 -27.42 2.81 -11.81
N SER D 60 -28.17 3.56 -11.01
CA SER D 60 -27.55 4.60 -10.16
C SER D 60 -26.55 4.03 -9.17
N LYS D 61 -26.55 2.71 -9.01
CA LYS D 61 -25.65 2.00 -8.09
C LYS D 61 -24.30 1.74 -8.76
N ALA D 62 -24.31 1.62 -10.08
CA ALA D 62 -23.06 1.42 -10.83
C ALA D 62 -22.44 2.80 -10.97
N GLY D 64 -22.33 4.84 -8.76
CA GLY D 64 -21.59 5.06 -7.52
C GLY D 64 -20.22 4.49 -7.73
N ILE D 65 -20.16 3.30 -8.32
CA ILE D 65 -18.87 2.66 -8.60
C ILE D 65 -18.14 3.60 -9.56
N ASN D 67 -18.19 6.91 -10.42
CA ASN D 67 -17.62 8.10 -9.78
C ASN D 67 -16.58 7.76 -8.74
N SER D 68 -16.86 6.74 -7.93
CA SER D 68 -15.90 6.36 -6.92
C SER D 68 -14.60 6.05 -7.65
N PHE D 69 -14.72 5.30 -8.74
CA PHE D 69 -13.58 4.93 -9.57
C PHE D 69 -12.82 6.14 -10.13
N VAL D 70 -13.44 6.85 -11.06
CA VAL D 70 -12.89 8.04 -11.69
C VAL D 70 -12.09 8.85 -10.69
N ASN D 71 -12.64 8.99 -9.48
CA ASN D 71 -12.01 9.70 -8.38
C ASN D 71 -10.74 8.98 -7.96
N ASP D 72 -10.88 7.68 -7.67
CA ASP D 72 -9.74 6.85 -7.24
C ASP D 72 -8.63 6.92 -8.30
N ILE D 73 -9.01 7.22 -9.53
CA ILE D 73 -8.04 7.32 -10.61
C ILE D 73 -7.49 8.74 -10.72
N PHE D 74 -8.36 9.74 -10.60
CA PHE D 74 -7.90 11.12 -10.68
C PHE D 74 -6.78 11.28 -9.68
N GLU D 75 -7.04 10.79 -8.47
CA GLU D 75 -6.08 10.90 -7.40
C GLU D 75 -4.74 10.22 -7.68
N ARG D 76 -4.75 8.90 -7.77
CA ARG D 76 -3.53 8.14 -8.00
C ARG D 76 -2.58 8.68 -9.06
N ILE D 77 -3.14 9.38 -10.04
CA ILE D 77 -2.35 9.94 -11.12
C ILE D 77 -1.86 11.36 -10.78
N ALA D 78 -2.78 12.22 -10.34
CA ALA D 78 -2.43 13.58 -9.95
C ALA D 78 -1.63 13.37 -8.70
N GLY D 79 -1.85 12.23 -8.08
CA GLY D 79 -1.12 11.94 -6.88
C GLY D 79 0.37 11.79 -7.06
N GLU D 80 0.76 10.72 -7.72
CA GLU D 80 2.15 10.41 -7.96
C GLU D 80 2.84 11.42 -8.96
N ALA D 81 2.11 12.51 -9.30
CA ALA D 81 2.48 13.64 -10.21
C ALA D 81 2.96 14.81 -9.38
N SER D 82 2.23 15.04 -8.29
CA SER D 82 2.49 16.06 -7.30
C SER D 82 3.86 15.62 -6.85
N ARG D 83 3.91 14.32 -6.60
CA ARG D 83 5.09 13.61 -6.11
C ARG D 83 6.25 13.57 -7.09
N LEU D 84 5.95 13.58 -8.38
CA LEU D 84 6.98 13.53 -9.41
C LEU D 84 7.53 14.92 -9.72
N ALA D 85 6.68 15.93 -9.59
CA ALA D 85 7.13 17.30 -9.81
C ALA D 85 7.87 17.69 -8.56
N HIS D 86 7.49 17.06 -7.46
CA HIS D 86 8.08 17.30 -6.15
C HIS D 86 9.52 16.76 -6.11
N TYR D 87 9.72 15.49 -6.50
CA TYR D 87 11.04 14.84 -6.49
C TYR D 87 12.11 15.51 -7.34
N ASN D 88 11.71 16.01 -8.49
CA ASN D 88 12.63 16.66 -9.40
C ASN D 88 12.62 18.19 -9.25
N LYS D 89 12.67 18.65 -7.98
CA LYS D 89 12.62 20.05 -7.49
C LYS D 89 12.03 21.14 -8.43
N ARG D 90 10.70 21.22 -8.43
CA ARG D 90 9.90 22.16 -9.23
C ARG D 90 8.57 22.49 -8.48
N SER D 91 7.77 23.41 -9.03
CA SER D 91 6.46 23.73 -8.44
C SER D 91 5.49 23.80 -9.61
N THR D 92 5.77 22.97 -10.60
CA THR D 92 5.00 22.91 -11.83
C THR D 92 4.59 21.48 -12.21
N ILE D 93 3.37 21.33 -12.70
CA ILE D 93 2.87 20.04 -13.14
C ILE D 93 2.47 20.18 -14.59
N THR D 94 3.44 19.94 -15.47
CA THR D 94 3.21 20.05 -16.91
C THR D 94 2.34 18.89 -17.36
N SER D 95 2.16 18.76 -18.66
CA SER D 95 1.39 17.64 -19.16
C SER D 95 2.42 16.49 -19.09
N ARG D 96 3.69 16.86 -19.28
CA ARG D 96 4.84 15.96 -19.27
C ARG D 96 4.89 15.14 -17.99
N GLU D 97 4.38 15.73 -16.91
CA GLU D 97 4.33 15.07 -15.60
C GLU D 97 3.16 14.11 -15.59
N ILE D 98 1.96 14.64 -15.86
CA ILE D 98 0.78 13.82 -15.87
C ILE D 98 0.87 12.76 -16.95
N GLN D 99 2.07 12.53 -17.46
CA GLN D 99 2.28 11.48 -18.46
C GLN D 99 3.22 10.41 -17.92
N THR D 100 4.31 10.81 -17.28
CA THR D 100 5.21 9.81 -16.72
C THR D 100 4.48 9.33 -15.47
N ALA D 101 3.49 10.14 -15.07
CA ALA D 101 2.67 9.86 -13.90
C ALA D 101 1.72 8.74 -14.23
N VAL D 102 1.31 8.69 -15.49
CA VAL D 102 0.38 7.66 -15.98
C VAL D 102 1.17 6.39 -16.28
N ARG D 103 2.25 6.54 -17.04
CA ARG D 103 3.08 5.41 -17.34
C ARG D 103 3.30 4.61 -16.06
N LEU D 104 3.70 5.31 -15.01
CA LEU D 104 3.97 4.65 -13.75
C LEU D 104 2.79 4.05 -13.01
N LEU D 105 1.56 4.45 -13.36
CA LEU D 105 0.37 3.92 -12.69
C LEU D 105 -0.51 2.97 -13.51
N LEU D 106 -0.71 3.28 -14.79
CA LEU D 106 -1.53 2.45 -15.69
C LEU D 106 -0.71 1.32 -16.31
N PRO D 107 -1.12 0.07 -16.10
CA PRO D 107 -0.48 -1.15 -16.61
C PRO D 107 -0.52 -1.46 -18.12
N GLY D 108 0.57 -2.05 -18.61
CA GLY D 108 0.70 -2.45 -20.01
C GLY D 108 0.18 -1.56 -21.11
N GLU D 109 -0.71 -2.12 -21.92
CA GLU D 109 -1.29 -1.41 -23.05
C GLU D 109 -2.37 -0.42 -22.62
N LEU D 110 -2.70 -0.44 -21.33
CA LEU D 110 -3.67 0.50 -20.82
C LEU D 110 -2.86 1.79 -20.62
N ALA D 111 -1.53 1.63 -20.68
CA ALA D 111 -0.61 2.75 -20.55
C ALA D 111 -0.36 3.28 -21.95
N LYS D 112 0.24 2.45 -22.80
CA LYS D 112 0.54 2.83 -24.19
C LYS D 112 -0.66 3.30 -25.03
N HIS D 113 -1.82 3.48 -24.40
CA HIS D 113 -3.02 3.92 -25.10
C HIS D 113 -3.58 5.18 -24.48
N ALA D 114 -3.52 5.25 -23.15
CA ALA D 114 -4.02 6.42 -22.43
C ALA D 114 -3.09 7.59 -22.60
N VAL D 115 -1.82 7.30 -22.88
CA VAL D 115 -0.81 8.33 -23.08
C VAL D 115 -0.92 8.98 -24.45
N SER D 116 -1.37 8.21 -25.44
CA SER D 116 -1.50 8.73 -26.77
C SER D 116 -2.93 9.24 -26.93
N GLU D 117 -3.66 9.19 -25.82
CA GLU D 117 -5.05 9.63 -25.74
C GLU D 117 -4.99 11.03 -25.12
N GLY D 118 -3.86 11.31 -24.47
CA GLY D 118 -3.62 12.59 -23.85
C GLY D 118 -2.70 13.34 -24.80
N THR D 119 -1.65 12.64 -25.23
CA THR D 119 -0.68 13.20 -26.16
C THR D 119 -1.47 13.82 -27.32
N LYS D 120 -2.55 13.14 -27.70
CA LYS D 120 -3.41 13.58 -28.79
C LYS D 120 -4.39 14.65 -28.34
N ALA D 121 -4.87 14.57 -27.11
CA ALA D 121 -5.85 15.53 -26.61
C ALA D 121 -5.29 16.89 -26.16
N VAL D 122 -3.96 16.98 -26.07
CA VAL D 122 -3.28 18.22 -25.64
C VAL D 122 -2.92 19.14 -26.84
N THR D 123 -2.38 18.52 -27.89
CA THR D 123 -2.00 19.25 -29.10
C THR D 123 -3.26 19.83 -29.70
N LYS D 124 -4.24 18.96 -29.93
CA LYS D 124 -5.49 19.43 -30.50
C LYS D 124 -6.02 20.62 -29.68
N TYR D 125 -5.53 20.75 -28.45
CA TYR D 125 -5.94 21.86 -27.59
C TYR D 125 -5.15 23.10 -27.95
N THR D 126 -3.82 22.99 -27.85
CA THR D 126 -2.90 24.08 -28.15
C THR D 126 -3.30 24.74 -29.47
N SER D 127 -3.49 23.92 -30.49
CA SER D 127 -3.92 24.37 -31.81
C SER D 127 -5.44 24.46 -31.78
N ALA D 128 -5.94 24.97 -30.64
CA ALA D 128 -7.35 25.17 -30.33
C ALA D 128 -8.28 25.41 -31.51
N LEU E 51 -21.50 -29.12 -2.77
CA LEU E 51 -20.90 -28.48 -3.97
C LEU E 51 -22.06 -28.04 -4.86
N LYS E 52 -23.24 -27.98 -4.25
CA LYS E 52 -24.42 -27.57 -4.97
C LYS E 52 -24.46 -26.04 -5.11
N GLU E 53 -24.64 -25.36 -3.97
CA GLU E 53 -24.71 -23.91 -3.92
C GLU E 53 -23.56 -23.12 -4.54
N ILE E 54 -22.41 -23.77 -4.72
CA ILE E 54 -21.26 -23.08 -5.28
C ILE E 54 -21.63 -22.20 -6.48
N ARG E 55 -22.21 -22.82 -7.51
CA ARG E 55 -22.57 -22.09 -8.71
C ARG E 55 -23.89 -21.32 -8.62
N LYS E 56 -24.33 -21.05 -7.39
CA LYS E 56 -25.58 -20.30 -7.15
C LYS E 56 -25.23 -18.91 -6.63
N LEU E 57 -24.38 -18.90 -5.61
CA LEU E 57 -23.91 -17.69 -4.96
C LEU E 57 -22.79 -16.97 -5.71
N GLN E 58 -22.00 -17.73 -6.48
CA GLN E 58 -20.93 -17.11 -7.25
C GLN E 58 -21.65 -16.25 -8.25
N LYS E 59 -22.79 -16.76 -8.71
CA LYS E 59 -23.60 -16.06 -9.71
C LYS E 59 -24.42 -14.90 -9.12
N SER E 60 -24.49 -14.81 -7.79
CA SER E 60 -25.25 -13.74 -7.12
C SER E 60 -24.35 -12.65 -6.54
N THR E 61 -24.97 -11.62 -5.97
CA THR E 61 -24.22 -10.54 -5.38
C THR E 61 -24.77 -10.13 -4.03
N HIS E 62 -25.99 -10.53 -3.73
CA HIS E 62 -26.61 -10.19 -2.45
C HIS E 62 -25.69 -10.51 -1.27
N LEU E 63 -25.51 -9.54 -0.37
CA LEU E 63 -24.65 -9.74 0.80
C LEU E 63 -25.19 -10.92 1.59
N LEU E 64 -24.41 -11.97 1.71
CA LEU E 64 -24.83 -13.17 2.41
C LEU E 64 -25.27 -12.99 3.86
N ILE E 65 -24.38 -12.50 4.72
CA ILE E 65 -24.71 -12.29 6.13
C ILE E 65 -25.83 -11.29 6.25
N ARG E 66 -26.76 -11.55 7.16
CA ARG E 66 -27.88 -10.64 7.37
C ARG E 66 -27.32 -9.29 7.83
N LYS E 67 -28.19 -8.30 7.97
CA LYS E 67 -27.76 -6.96 8.38
C LYS E 67 -27.78 -6.79 9.88
N LEU E 68 -28.98 -6.72 10.44
CA LEU E 68 -29.13 -6.52 11.87
C LEU E 68 -28.11 -7.22 12.77
N PRO E 69 -27.96 -8.55 12.65
CA PRO E 69 -26.98 -9.24 13.50
C PRO E 69 -25.69 -8.45 13.50
N PHE E 70 -25.21 -8.27 12.28
CA PHE E 70 -23.99 -7.55 11.94
C PHE E 70 -23.95 -6.12 12.47
N SER E 71 -25.05 -5.38 12.23
CA SER E 71 -25.20 -3.97 12.64
C SER E 71 -24.84 -3.72 14.10
N ARG E 72 -25.31 -4.61 14.97
CA ARG E 72 -25.03 -4.52 16.41
C ARG E 72 -23.58 -4.96 16.62
N LEU E 73 -23.19 -6.01 15.92
CA LEU E 73 -21.84 -6.52 16.02
C LEU E 73 -20.88 -5.37 15.83
N ALA E 74 -21.28 -4.40 15.03
CA ALA E 74 -20.46 -3.23 14.75
C ALA E 74 -20.51 -2.15 15.84
N ARG E 75 -21.71 -1.66 16.13
CA ARG E 75 -21.89 -0.61 17.12
C ARG E 75 -21.28 -1.02 18.45
N GLU E 76 -21.16 -2.33 18.61
CA GLU E 76 -20.61 -2.94 19.80
C GLU E 76 -19.09 -2.71 19.87
N ILE E 77 -18.39 -2.93 18.76
CA ILE E 77 -16.95 -2.72 18.70
C ILE E 77 -16.76 -1.21 18.62
N CYS E 78 -17.89 -0.53 18.40
CA CYS E 78 -17.94 0.91 18.29
C CYS E 78 -18.04 1.50 19.71
N VAL E 79 -19.09 1.11 20.42
CA VAL E 79 -19.30 1.58 21.79
C VAL E 79 -18.02 1.45 22.62
N LYS E 80 -17.04 0.71 22.11
CA LYS E 80 -15.76 0.54 22.81
C LYS E 80 -14.97 1.84 22.75
N PHE E 81 -15.47 2.78 21.94
CA PHE E 81 -14.83 4.09 21.77
C PHE E 81 -15.82 5.20 22.06
N PHE E 87 -22.86 6.95 19.42
CA PHE E 87 -22.84 7.70 18.16
C PHE E 87 -24.12 7.48 17.36
N ASN E 88 -24.00 7.61 16.05
CA ASN E 88 -25.09 7.42 15.10
C ASN E 88 -24.48 7.01 13.77
N TRP E 89 -25.04 5.98 13.14
CA TRP E 89 -24.52 5.47 11.87
C TRP E 89 -25.49 5.61 10.70
N GLN E 90 -25.16 6.46 9.74
CA GLN E 90 -26.01 6.61 8.55
C GLN E 90 -26.26 5.17 8.13
N ALA E 91 -27.51 4.75 8.05
CA ALA E 91 -27.79 3.36 7.68
C ALA E 91 -26.99 2.97 6.44
N GLN E 92 -26.63 3.97 5.64
CA GLN E 92 -25.87 3.76 4.42
C GLN E 92 -24.45 3.28 4.71
N ALA E 93 -23.81 3.91 5.71
CA ALA E 93 -22.45 3.57 6.13
C ALA E 93 -22.29 2.14 6.66
N LEU E 94 -23.38 1.58 7.18
CA LEU E 94 -23.34 0.22 7.73
C LEU E 94 -23.27 -0.81 6.62
N LEU E 95 -23.65 -0.40 5.41
CA LEU E 95 -23.55 -1.30 4.27
C LEU E 95 -22.09 -1.32 3.80
N ALA E 96 -21.49 -0.14 3.77
CA ALA E 96 -20.10 0.03 3.36
C ALA E 96 -19.17 -0.69 4.31
N LEU E 97 -19.57 -0.77 5.57
CA LEU E 97 -18.77 -1.46 6.57
C LEU E 97 -19.21 -2.93 6.51
N GLN E 98 -20.06 -3.23 5.52
CA GLN E 98 -20.58 -4.57 5.33
C GLN E 98 -20.00 -5.13 4.04
N GLU E 99 -20.37 -4.48 2.94
CA GLU E 99 -19.94 -4.86 1.60
C GLU E 99 -18.44 -5.11 1.61
N ALA E 100 -17.74 -4.36 2.45
CA ALA E 100 -16.29 -4.49 2.57
C ALA E 100 -15.97 -5.62 3.52
N ALA E 101 -16.89 -5.89 4.44
CA ALA E 101 -16.72 -6.94 5.43
C ALA E 101 -16.80 -8.33 4.78
N GLU E 102 -17.91 -8.62 4.12
CA GLU E 102 -18.09 -9.91 3.48
C GLU E 102 -17.06 -10.07 2.37
N ALA E 103 -16.85 -9.01 1.61
CA ALA E 103 -15.86 -9.04 0.53
C ALA E 103 -14.53 -9.54 1.08
N PHE E 104 -14.32 -9.29 2.35
CA PHE E 104 -13.11 -9.71 3.02
C PHE E 104 -13.06 -11.20 3.21
N LEU E 105 -14.09 -11.73 3.86
CA LEU E 105 -14.16 -13.16 4.10
C LEU E 105 -14.13 -13.95 2.80
N VAL E 106 -14.98 -13.60 1.85
CA VAL E 106 -15.04 -14.32 0.58
C VAL E 106 -13.67 -14.57 0.02
N HIS E 107 -12.98 -13.52 -0.42
CA HIS E 107 -11.66 -13.70 -0.99
C HIS E 107 -10.68 -14.29 0.04
N LEU E 108 -11.14 -14.39 1.28
CA LEU E 108 -10.31 -14.91 2.35
C LEU E 108 -10.27 -16.44 2.34
N PHE E 109 -11.42 -17.09 2.31
CA PHE E 109 -11.41 -18.56 2.26
C PHE E 109 -10.80 -18.92 0.91
N GLU E 110 -11.35 -18.33 -0.14
CA GLU E 110 -10.90 -18.57 -1.51
C GLU E 110 -9.39 -18.61 -1.53
N ASP E 111 -8.78 -17.51 -1.13
CA ASP E 111 -7.33 -17.47 -1.12
C ASP E 111 -6.82 -18.52 -0.14
N ALA E 112 -7.64 -18.85 0.86
CA ALA E 112 -7.25 -19.82 1.89
C ALA E 112 -7.40 -21.28 1.51
N TYR E 113 -8.33 -21.57 0.60
CA TYR E 113 -8.61 -22.94 0.15
C TYR E 113 -7.42 -23.49 -0.62
N LEU E 114 -6.74 -22.63 -1.38
CA LEU E 114 -5.56 -23.06 -2.11
C LEU E 114 -4.56 -23.61 -1.09
N LEU E 115 -4.76 -23.23 0.16
CA LEU E 115 -3.92 -23.71 1.24
C LEU E 115 -4.45 -25.06 1.68
N THR E 116 -5.73 -25.29 1.43
CA THR E 116 -6.36 -26.55 1.79
C THR E 116 -6.21 -27.54 0.63
N LEU E 117 -6.17 -27.02 -0.59
CA LEU E 117 -6.01 -27.85 -1.78
C LEU E 117 -4.55 -27.94 -2.19
N HIS E 118 -3.66 -27.66 -1.24
CA HIS E 118 -2.23 -27.74 -1.49
C HIS E 118 -1.73 -28.88 -0.63
N ALA E 119 -2.33 -29.03 0.56
CA ALA E 119 -1.96 -30.12 1.45
C ALA E 119 -2.79 -31.31 0.97
N GLY E 120 -3.41 -31.12 -0.20
CA GLY E 120 -4.25 -32.14 -0.80
C GLY E 120 -5.70 -31.94 -0.40
N ARG E 121 -5.88 -31.71 0.89
CA ARG E 121 -7.18 -31.51 1.53
C ARG E 121 -8.23 -30.85 0.67
N VAL E 122 -9.49 -31.05 1.09
CA VAL E 122 -10.63 -30.48 0.41
C VAL E 122 -11.58 -29.92 1.46
N THR E 123 -11.18 -30.03 2.72
CA THR E 123 -11.99 -29.51 3.81
C THR E 123 -11.27 -28.39 4.49
N LEU E 124 -11.87 -27.21 4.54
CA LEU E 124 -11.24 -26.08 5.19
C LEU E 124 -10.85 -26.49 6.60
N PHE E 125 -10.13 -25.60 7.28
CA PHE E 125 -9.67 -25.82 8.63
C PHE E 125 -9.19 -24.47 9.11
N PRO E 126 -9.35 -24.18 10.41
CA PRO E 126 -8.88 -22.88 10.87
C PRO E 126 -7.37 -22.86 10.56
N LYS E 127 -6.80 -24.06 10.54
CA LYS E 127 -5.39 -24.29 10.24
C LYS E 127 -5.02 -23.52 8.98
N ASP E 128 -6.05 -23.15 8.22
CA ASP E 128 -5.85 -22.45 6.97
C ASP E 128 -6.02 -20.94 7.07
N VAL E 129 -7.07 -20.49 7.76
CA VAL E 129 -7.32 -19.06 7.91
C VAL E 129 -6.38 -18.48 8.96
N GLN E 130 -5.16 -19.02 8.98
CA GLN E 130 -4.13 -18.56 9.90
C GLN E 130 -2.79 -18.68 9.19
N LEU E 131 -2.75 -19.47 8.12
CA LEU E 131 -1.55 -19.57 7.33
C LEU E 131 -1.79 -18.52 6.25
N ALA E 132 -3.07 -18.40 5.86
CA ALA E 132 -3.49 -17.44 4.84
C ALA E 132 -3.32 -16.02 5.35
N ARG E 133 -4.03 -15.69 6.43
CA ARG E 133 -3.92 -14.34 6.99
C ARG E 133 -2.49 -14.07 7.39
N ARG E 134 -1.65 -15.09 7.29
CA ARG E 134 -0.24 -15.00 7.65
C ARG E 134 0.69 -14.67 6.51
N ILE E 135 0.25 -14.93 5.28
CA ILE E 135 1.10 -14.64 4.13
C ILE E 135 0.71 -13.31 3.52
N ARG E 136 -0.28 -12.67 4.14
CA ARG E 136 -0.78 -11.39 3.69
C ARG E 136 -0.27 -10.28 4.62
N GLY E 137 0.05 -10.65 5.84
CA GLY E 137 0.52 -9.66 6.81
C GLY E 137 -0.65 -8.82 7.23
N LEU E 138 -1.68 -9.48 7.76
CA LEU E 138 -2.90 -8.82 8.21
C LEU E 138 -3.30 -9.26 9.63
N ASP F 28 -23.70 -11.34 24.09
CA ASP F 28 -22.71 -11.87 23.11
C ASP F 28 -23.27 -11.75 21.71
N ASN F 29 -22.95 -10.65 21.04
CA ASN F 29 -23.45 -10.44 19.70
C ASN F 29 -22.45 -10.82 18.61
N ILE F 30 -21.56 -11.77 18.90
CA ILE F 30 -20.61 -12.23 17.90
C ILE F 30 -21.25 -13.48 17.29
N GLN F 31 -22.43 -13.82 17.80
CA GLN F 31 -23.18 -14.96 17.33
C GLN F 31 -24.26 -14.56 16.35
N GLY F 32 -24.22 -13.30 15.94
CA GLY F 32 -25.20 -12.80 14.99
C GLY F 32 -24.91 -13.38 13.61
N ILE F 33 -23.66 -13.83 13.46
CA ILE F 33 -23.18 -14.47 12.24
C ILE F 33 -23.37 -15.94 12.57
N THR F 34 -23.90 -16.73 11.64
CA THR F 34 -24.17 -18.12 11.94
C THR F 34 -23.66 -19.22 11.01
N LYS F 35 -23.66 -20.45 11.52
CA LYS F 35 -23.22 -21.62 10.77
C LYS F 35 -23.72 -21.58 9.33
N PRO F 36 -25.01 -21.28 9.12
CA PRO F 36 -25.56 -21.20 7.76
C PRO F 36 -25.01 -20.01 6.98
N ALA F 37 -24.87 -18.88 7.65
CA ALA F 37 -24.36 -17.67 7.02
C ALA F 37 -22.87 -17.78 6.64
N ILE F 38 -22.05 -18.16 7.61
CA ILE F 38 -20.61 -18.32 7.37
C ILE F 38 -20.36 -19.33 6.25
N ARG F 39 -21.32 -20.22 6.06
CA ARG F 39 -21.23 -21.26 5.04
C ARG F 39 -21.51 -20.67 3.67
N ARG F 40 -22.25 -19.57 3.62
CA ARG F 40 -22.57 -18.92 2.34
C ARG F 40 -21.32 -18.23 1.77
N LEU F 41 -20.60 -17.51 2.63
CA LEU F 41 -19.36 -16.82 2.25
C LEU F 41 -18.32 -17.88 1.93
N ALA F 42 -18.28 -18.93 2.77
CA ALA F 42 -17.37 -20.04 2.59
C ALA F 42 -17.67 -20.68 1.25
N ARG F 43 -18.94 -21.01 1.04
CA ARG F 43 -19.36 -21.62 -0.21
C ARG F 43 -19.07 -20.70 -1.40
N ARG F 44 -19.53 -19.45 -1.36
CA ARG F 44 -19.28 -18.53 -2.47
C ARG F 44 -17.81 -18.33 -2.80
N GLY F 45 -16.93 -18.60 -1.84
CA GLY F 45 -15.51 -18.43 -2.07
C GLY F 45 -14.84 -19.65 -2.67
N GLY F 46 -15.63 -20.50 -3.31
CA GLY F 46 -15.09 -21.70 -3.92
C GLY F 46 -14.71 -22.75 -2.90
N VAL F 47 -15.32 -22.66 -1.72
CA VAL F 47 -15.04 -23.63 -0.66
C VAL F 47 -16.06 -24.75 -0.70
N LYS F 48 -15.60 -25.98 -0.60
CA LYS F 48 -16.51 -27.11 -0.63
C LYS F 48 -16.90 -27.57 0.78
N ARG F 49 -16.31 -28.68 1.18
CA ARG F 49 -16.56 -29.28 2.48
C ARG F 49 -15.85 -28.45 3.56
N ILE F 50 -16.60 -27.54 4.17
CA ILE F 50 -16.10 -26.66 5.22
C ILE F 50 -15.66 -27.50 6.42
N SER F 51 -14.89 -26.92 7.31
CA SER F 51 -14.48 -27.65 8.49
C SER F 51 -15.42 -27.34 9.62
N GLY F 52 -15.06 -27.82 10.80
CA GLY F 52 -15.90 -27.62 11.96
C GLY F 52 -15.81 -26.26 12.63
N LEU F 53 -14.60 -25.87 13.02
CA LEU F 53 -14.39 -24.59 13.69
C LEU F 53 -14.44 -23.31 12.83
N ILE F 54 -14.49 -23.46 11.51
CA ILE F 54 -14.57 -22.32 10.59
C ILE F 54 -15.82 -21.48 10.88
N TYR F 55 -16.58 -21.87 11.90
CA TYR F 55 -17.80 -21.14 12.28
C TYR F 55 -17.54 -20.32 13.53
N GLU F 56 -16.25 -20.15 13.82
CA GLU F 56 -15.80 -19.36 14.95
C GLU F 56 -14.64 -18.59 14.37
N GLU F 57 -13.79 -19.29 13.62
CA GLU F 57 -12.66 -18.65 12.98
C GLU F 57 -13.27 -17.39 12.39
N THR F 58 -14.30 -17.58 11.58
CA THR F 58 -14.98 -16.45 11.00
C THR F 58 -15.26 -15.49 12.14
N ARG F 59 -16.18 -15.86 13.02
CA ARG F 59 -16.54 -15.03 14.16
C ARG F 59 -15.30 -14.45 14.83
N GLY F 60 -14.14 -14.99 14.47
CA GLY F 60 -12.89 -14.52 15.02
C GLY F 60 -12.26 -13.38 14.22
N VAL F 61 -11.94 -13.64 12.96
CA VAL F 61 -11.32 -12.61 12.15
C VAL F 61 -12.28 -11.48 11.83
N LEU F 62 -13.55 -11.78 11.57
CA LEU F 62 -14.48 -10.72 11.25
C LEU F 62 -14.46 -9.65 12.36
N LYS F 63 -13.93 -10.03 13.54
CA LYS F 63 -13.84 -9.13 14.69
C LYS F 63 -12.52 -8.36 14.82
N VAL F 64 -11.51 -8.73 14.02
CA VAL F 64 -10.21 -8.04 14.02
C VAL F 64 -10.14 -7.22 12.72
N PHE F 65 -11.22 -7.34 11.94
CA PHE F 65 -11.33 -6.62 10.70
C PHE F 65 -12.26 -5.50 11.07
N LEU F 66 -13.50 -5.84 11.35
CA LEU F 66 -14.47 -4.83 11.73
C LEU F 66 -13.90 -3.95 12.84
N GLU F 67 -13.30 -4.59 13.83
CA GLU F 67 -12.71 -3.88 14.94
C GLU F 67 -11.66 -2.91 14.38
N ASN F 68 -10.73 -3.46 13.60
CA ASN F 68 -9.65 -2.66 12.99
C ASN F 68 -10.11 -1.57 12.05
N VAL F 69 -11.23 -1.80 11.37
CA VAL F 69 -11.80 -0.83 10.44
C VAL F 69 -12.65 0.21 11.16
N ILE F 70 -13.23 -0.18 12.29
CA ILE F 70 -14.07 0.72 13.07
C ILE F 70 -13.24 1.84 13.66
N ARG F 71 -12.19 1.48 14.40
CA ARG F 71 -11.35 2.48 15.03
C ARG F 71 -10.86 3.53 14.05
N ASP F 72 -10.11 3.09 13.05
CA ASP F 72 -9.59 4.01 12.07
C ASP F 72 -10.71 4.81 11.45
N ALA F 73 -11.95 4.34 11.59
CA ALA F 73 -13.09 5.05 11.01
C ALA F 73 -13.84 5.91 11.99
N VAL F 74 -13.76 5.58 13.27
CA VAL F 74 -14.47 6.35 14.28
C VAL F 74 -13.73 7.66 14.51
N THR F 75 -12.40 7.55 14.69
CA THR F 75 -11.55 8.70 14.93
C THR F 75 -11.89 9.80 13.93
N TYR F 76 -12.16 9.40 12.70
CA TYR F 76 -12.51 10.36 11.68
C TYR F 76 -13.78 11.12 12.06
N THR F 77 -14.81 10.40 12.50
CA THR F 77 -16.10 11.01 12.90
C THR F 77 -15.82 11.89 14.13
N GLU F 78 -14.95 11.37 14.99
CA GLU F 78 -14.52 12.04 16.19
C GLU F 78 -13.60 13.27 15.93
N HIS F 79 -13.10 13.46 14.70
CA HIS F 79 -12.21 14.59 14.23
C HIS F 79 -12.93 15.85 13.74
N ALA F 80 -13.86 15.72 12.78
CA ALA F 80 -14.66 16.86 12.26
C ALA F 80 -15.41 16.71 13.54
N LYS F 81 -16.58 17.25 13.78
CA LYS F 81 -17.06 16.75 15.07
C LYS F 81 -18.46 16.24 14.90
N ARG F 82 -18.82 15.18 15.62
CA ARG F 82 -20.18 14.64 15.53
C ARG F 82 -20.32 13.24 16.10
N LYS F 83 -21.55 12.75 16.13
CA LYS F 83 -21.80 11.44 16.65
C LYS F 83 -22.38 10.57 15.52
N THR F 84 -22.29 11.08 14.29
CA THR F 84 -22.78 10.37 13.09
C THR F 84 -21.67 9.93 12.14
N VAL F 85 -21.37 8.64 12.15
CA VAL F 85 -20.35 8.06 11.31
C VAL F 85 -20.88 7.84 9.89
N THR F 86 -20.31 8.55 8.92
CA THR F 86 -20.80 8.40 7.55
C THR F 86 -20.01 7.35 6.79
N ALA F 87 -20.63 6.82 5.73
CA ALA F 87 -20.00 5.80 4.91
C ALA F 87 -18.63 6.28 4.49
N MET F 88 -18.46 7.60 4.52
CA MET F 88 -17.21 8.23 4.13
C MET F 88 -16.20 8.29 5.26
N ASP F 89 -16.65 8.12 6.49
CA ASP F 89 -15.71 8.09 7.61
C ASP F 89 -15.14 6.69 7.41
N VAL F 90 -16.04 5.77 7.08
CA VAL F 90 -15.68 4.38 6.81
C VAL F 90 -14.72 4.28 5.62
N VAL F 91 -15.22 4.58 4.42
CA VAL F 91 -14.41 4.49 3.22
C VAL F 91 -12.98 5.01 3.37
N TYR F 92 -12.78 6.09 4.11
CA TYR F 92 -11.44 6.59 4.28
C TYR F 92 -10.72 5.60 5.17
N ALA F 93 -11.48 4.92 6.01
CA ALA F 93 -10.88 3.91 6.89
C ALA F 93 -10.43 2.71 6.04
N LEU F 94 -11.20 2.37 5.01
CA LEU F 94 -10.86 1.24 4.16
C LEU F 94 -9.68 1.55 3.23
N LYS F 95 -9.46 2.82 2.92
CA LYS F 95 -8.33 3.20 2.07
C LYS F 95 -7.10 3.18 2.96
N ARG F 96 -7.24 3.76 4.15
CA ARG F 96 -6.13 3.80 5.08
C ARG F 96 -5.78 2.34 5.30
N GLN F 97 -6.79 1.48 5.20
CA GLN F 97 -6.60 0.03 5.39
C GLN F 97 -5.70 -0.59 4.32
N GLY F 98 -5.90 -0.19 3.07
CA GLY F 98 -5.13 -0.72 1.95
C GLY F 98 -6.12 -1.53 1.15
N ARG F 99 -7.39 -1.21 1.37
CA ARG F 99 -8.51 -1.87 0.72
C ARG F 99 -9.58 -0.89 0.24
N THR F 100 -9.32 -0.27 -0.91
CA THR F 100 -10.24 0.70 -1.49
C THR F 100 -11.64 0.16 -1.78
N LEU F 101 -12.68 0.95 -1.49
CA LEU F 101 -14.07 0.53 -1.74
C LEU F 101 -14.79 1.49 -2.69
N TYR F 102 -15.68 0.92 -3.52
CA TYR F 102 -16.41 1.68 -4.52
C TYR F 102 -17.93 1.76 -4.40
N GLY F 103 -18.48 2.95 -4.62
CA GLY F 103 -19.93 3.13 -4.59
C GLY F 103 -20.54 3.90 -3.44
N PHE F 104 -19.77 4.74 -2.75
CA PHE F 104 -20.33 5.48 -1.62
C PHE F 104 -19.97 6.96 -1.53
N GLY F 105 -18.90 7.33 -2.24
CA GLY F 105 -18.43 8.71 -2.23
C GLY F 105 -19.33 9.81 -1.69
N GLY F 106 -19.81 10.67 -2.59
CA GLY F 106 -20.68 11.77 -2.21
C GLY F 106 -21.92 11.81 -3.08
N LYS G 19 17.35 31.98 20.96
CA LYS G 19 15.99 32.33 20.44
C LYS G 19 15.39 31.28 19.48
N THR G 20 15.94 30.07 19.49
CA THR G 20 15.45 29.00 18.61
C THR G 20 14.12 28.40 19.04
N ARG G 21 13.18 28.38 18.09
CA ARG G 21 11.82 27.86 18.28
C ARG G 21 11.80 26.43 18.80
N SER G 22 12.92 25.73 18.65
CA SER G 22 13.02 24.35 19.10
C SER G 22 13.31 24.23 20.59
N SER G 23 14.19 25.09 21.10
CA SER G 23 14.54 25.09 22.51
C SER G 23 13.40 25.77 23.28
N ARG G 24 12.51 26.40 22.54
CA ARG G 24 11.38 27.08 23.13
C ARG G 24 10.26 26.07 23.38
N ALA G 25 10.32 24.97 22.64
CA ALA G 25 9.32 23.92 22.76
C ALA G 25 9.99 22.74 23.45
N GLY G 26 11.21 22.99 23.91
CA GLY G 26 11.98 21.98 24.61
C GLY G 26 12.44 20.84 23.72
N LEU G 27 12.25 21.00 22.42
CA LEU G 27 12.63 19.97 21.45
C LEU G 27 14.05 20.06 20.92
N GLN G 28 14.54 18.91 20.48
CA GLN G 28 15.89 18.75 19.91
C GLN G 28 15.73 18.89 18.41
N PHE G 29 14.73 18.17 17.91
CA PHE G 29 14.38 18.16 16.50
C PHE G 29 13.84 19.51 16.10
N PRO G 30 14.32 20.02 14.96
CA PRO G 30 13.97 21.30 14.36
C PRO G 30 12.50 21.59 14.15
N VAL G 31 12.03 22.65 14.80
CA VAL G 31 10.67 23.08 14.66
C VAL G 31 10.69 23.84 13.38
N GLY G 32 11.74 24.65 13.23
CA GLY G 32 11.90 25.48 12.05
C GLY G 32 11.85 24.66 10.78
N ARG G 33 12.89 23.88 10.54
CA ARG G 33 12.99 23.03 9.36
C ARG G 33 11.64 22.35 9.06
N VAL G 34 11.23 21.41 9.89
CA VAL G 34 9.96 20.73 9.71
C VAL G 34 8.90 21.71 9.16
N HIS G 35 8.64 22.80 9.89
CA HIS G 35 7.64 23.80 9.47
C HIS G 35 7.76 24.00 7.98
N ARG G 36 8.92 24.45 7.56
CA ARG G 36 9.19 24.72 6.15
C ARG G 36 8.94 23.44 5.33
N LEU G 37 9.51 22.33 5.79
CA LEU G 37 9.33 21.07 5.10
C LEU G 37 7.85 20.78 4.96
N LEU G 38 7.06 21.48 5.77
CA LEU G 38 5.60 21.32 5.77
C LEU G 38 4.86 22.25 4.80
N ARG G 39 5.47 23.36 4.39
CA ARG G 39 4.83 24.30 3.46
C ARG G 39 5.19 24.03 1.98
N LYS G 40 6.36 23.42 1.77
CA LYS G 40 6.90 23.09 0.44
C LYS G 40 6.18 21.95 -0.26
N GLY G 41 6.15 20.77 0.36
CA GLY G 41 5.49 19.60 -0.24
C GLY G 41 4.01 19.82 -0.50
N ASN G 42 3.60 21.05 -0.24
CA ASN G 42 2.23 21.54 -0.39
C ASN G 42 1.20 20.52 0.15
N TYR G 43 1.27 20.22 1.46
CA TYR G 43 0.37 19.29 2.19
C TYR G 43 -0.89 20.14 2.61
N SER G 44 -0.84 21.43 2.25
CA SER G 44 -1.88 22.42 2.46
C SER G 44 -1.35 23.82 2.09
N GLU G 45 -2.18 24.83 2.34
CA GLU G 45 -1.92 26.23 2.04
C GLU G 45 -1.50 26.95 3.34
N ARG G 46 -2.08 26.56 4.46
CA ARG G 46 -1.71 27.18 5.72
C ARG G 46 -1.39 26.17 6.83
N VAL G 47 -0.28 26.43 7.52
CA VAL G 47 0.19 25.59 8.60
C VAL G 47 0.08 26.28 9.95
N GLY G 48 -0.49 25.58 10.93
CA GLY G 48 -0.62 26.13 12.26
C GLY G 48 0.74 26.53 12.81
N ALA G 49 0.71 27.20 13.97
CA ALA G 49 1.92 27.64 14.61
C ALA G 49 2.31 26.57 15.63
N GLY G 50 1.42 25.60 15.79
CA GLY G 50 1.65 24.51 16.72
C GLY G 50 1.81 23.15 16.06
N ALA G 51 1.34 23.06 14.82
CA ALA G 51 1.46 21.81 14.08
C ALA G 51 2.96 21.47 13.92
N PRO G 52 3.77 22.43 13.40
CA PRO G 52 5.20 22.16 13.22
C PRO G 52 6.04 22.21 14.48
N VAL G 53 5.44 21.97 15.64
CA VAL G 53 6.19 21.89 16.90
C VAL G 53 5.68 20.66 17.62
N TYR G 54 4.50 20.20 17.21
CA TYR G 54 3.86 19.01 17.76
C TYR G 54 4.44 17.86 16.96
N LEU G 55 4.39 18.01 15.64
CA LEU G 55 4.91 17.00 14.75
C LEU G 55 6.36 16.75 15.10
N ALA G 56 7.20 17.75 14.90
CA ALA G 56 8.62 17.63 15.20
C ALA G 56 8.92 16.95 16.54
N ALA G 57 7.96 16.97 17.46
CA ALA G 57 8.15 16.37 18.78
C ALA G 57 7.81 14.88 18.80
N VAL G 58 6.96 14.49 17.85
CA VAL G 58 6.52 13.13 17.70
C VAL G 58 7.63 12.33 17.06
N LEU G 59 8.34 12.96 16.13
CA LEU G 59 9.46 12.29 15.45
C LEU G 59 10.63 12.16 16.40
N GLU G 60 10.75 13.10 17.35
CA GLU G 60 11.85 13.02 18.29
C GLU G 60 11.66 11.78 19.13
N TYR G 61 10.44 11.61 19.64
CA TYR G 61 10.14 10.44 20.44
C TYR G 61 10.46 9.18 19.66
N LEU G 62 9.74 8.94 18.57
CA LEU G 62 9.97 7.76 17.75
C LEU G 62 11.46 7.55 17.46
N THR G 63 12.15 8.62 17.11
CA THR G 63 13.58 8.57 16.80
C THR G 63 14.40 8.18 18.02
N ALA G 64 13.88 8.54 19.19
CA ALA G 64 14.52 8.22 20.45
C ALA G 64 13.93 6.89 20.91
N GLU G 65 12.77 6.53 20.36
CA GLU G 65 12.07 5.30 20.69
C GLU G 65 12.77 4.05 20.14
N ILE G 66 13.36 4.18 18.96
CA ILE G 66 14.08 3.06 18.35
C ILE G 66 15.47 3.10 18.94
N LEU G 67 16.19 4.19 18.68
CA LEU G 67 17.53 4.30 19.21
C LEU G 67 17.55 3.85 20.66
N GLU G 68 16.39 3.83 21.30
CA GLU G 68 16.36 3.34 22.66
C GLU G 68 16.72 1.88 22.57
N LEU G 69 15.85 1.08 21.96
CA LEU G 69 16.05 -0.37 21.82
C LEU G 69 17.25 -0.81 20.99
N ALA G 70 17.34 -0.27 19.79
CA ALA G 70 18.42 -0.61 18.88
C ALA G 70 19.74 -0.41 19.57
N GLY G 71 19.74 0.44 20.59
CA GLY G 71 20.97 0.66 21.31
C GLY G 71 21.14 -0.46 22.31
N ASN G 72 20.01 -0.90 22.89
CA ASN G 72 20.03 -1.96 23.88
C ASN G 72 20.56 -3.23 23.29
N ALA G 73 19.86 -3.74 22.27
CA ALA G 73 20.25 -4.97 21.60
C ALA G 73 21.74 -4.94 21.32
N ALA G 74 22.25 -3.74 21.04
CA ALA G 74 23.67 -3.52 20.76
C ALA G 74 24.46 -3.97 21.96
N ARG G 75 23.94 -3.64 23.15
CA ARG G 75 24.59 -4.02 24.40
C ARG G 75 24.41 -5.52 24.63
N ASP G 76 23.22 -6.04 24.35
CA ASP G 76 22.94 -7.46 24.53
C ASP G 76 23.83 -8.27 23.59
N ASN G 77 24.14 -7.68 22.44
CA ASN G 77 25.00 -8.27 21.40
C ASN G 77 26.46 -7.99 21.78
N LYS G 78 26.70 -7.66 23.04
CA LYS G 78 28.04 -7.36 23.49
C LYS G 78 28.66 -6.40 22.48
N LYS G 79 28.06 -5.22 22.35
CA LYS G 79 28.55 -4.19 21.42
C LYS G 79 28.00 -2.80 21.80
N THR G 80 28.83 -1.77 21.63
CA THR G 80 28.42 -0.40 21.93
C THR G 80 28.55 0.47 20.65
N ARG G 81 27.86 0.04 19.61
CA ARG G 81 27.87 0.72 18.31
C ARG G 81 26.63 0.37 17.48
N ILE G 82 25.72 1.33 17.31
CA ILE G 82 24.51 1.10 16.53
C ILE G 82 24.80 0.85 15.04
N ILE G 83 24.63 -0.39 14.58
CA ILE G 83 24.82 -0.71 13.16
C ILE G 83 23.46 -1.13 12.66
N PRO G 84 23.29 -1.19 11.33
CA PRO G 84 22.00 -1.58 10.76
C PRO G 84 21.39 -2.83 11.39
N ARG G 85 22.21 -3.83 11.70
CA ARG G 85 21.70 -5.08 12.28
C ARG G 85 20.98 -4.85 13.61
N HIS G 86 21.54 -3.97 14.43
CA HIS G 86 20.92 -3.68 15.71
C HIS G 86 19.55 -3.00 15.52
N LEU G 87 19.41 -2.13 14.54
CA LEU G 87 18.11 -1.50 14.29
C LEU G 87 17.10 -2.57 13.84
N GLN G 88 17.60 -3.64 13.21
CA GLN G 88 16.75 -4.74 12.70
C GLN G 88 16.06 -5.48 13.83
N LEU G 89 16.84 -5.85 14.84
CA LEU G 89 16.28 -6.55 15.98
C LEU G 89 15.49 -5.59 16.87
N ALA G 90 15.89 -4.32 16.90
CA ALA G 90 15.18 -3.36 17.71
C ALA G 90 13.74 -3.29 17.20
N ILE G 91 13.61 -3.41 15.88
CA ILE G 91 12.30 -3.35 15.23
C ILE G 91 11.52 -4.65 15.36
N ARG G 92 12.11 -5.74 14.85
CA ARG G 92 11.46 -7.04 14.88
C ARG G 92 11.32 -7.66 16.26
N ASN G 93 11.69 -6.94 17.30
CA ASN G 93 11.55 -7.46 18.65
C ASN G 93 10.90 -6.42 19.52
N ASP G 94 9.80 -5.88 18.99
CA ASP G 94 8.98 -4.88 19.66
C ASP G 94 7.56 -4.91 19.10
N GLU G 95 6.61 -5.18 19.99
CA GLU G 95 5.19 -5.27 19.62
C GLU G 95 4.73 -4.15 18.68
N GLU G 96 4.95 -2.90 19.09
CA GLU G 96 4.52 -1.73 18.30
C GLU G 96 5.28 -1.47 16.99
N LEU G 97 6.59 -1.32 17.07
CA LEU G 97 7.36 -1.04 15.86
C LEU G 97 7.01 -1.87 14.63
N ASN G 98 7.20 -3.19 14.72
CA ASN G 98 6.92 -4.09 13.61
C ASN G 98 5.64 -3.74 12.89
N LYS G 99 4.59 -3.51 13.67
CA LYS G 99 3.31 -3.12 13.12
C LYS G 99 3.64 -1.93 12.24
N LEU G 100 3.89 -0.79 12.87
CA LEU G 100 4.22 0.43 12.15
C LEU G 100 5.04 0.18 10.89
N LEU G 101 6.25 -0.35 11.06
CA LEU G 101 7.17 -0.64 9.95
C LEU G 101 6.81 -1.92 9.21
N GLY G 102 5.55 -2.02 8.79
CA GLY G 102 5.09 -3.19 8.07
C GLY G 102 5.96 -3.52 6.87
N ARG G 103 5.58 -3.01 5.71
CA ARG G 103 6.31 -3.24 4.48
C ARG G 103 7.69 -2.57 4.38
N VAL G 104 8.34 -2.33 5.51
CA VAL G 104 9.66 -1.71 5.51
C VAL G 104 10.73 -2.77 5.38
N THR G 105 11.86 -2.42 4.78
CA THR G 105 12.98 -3.36 4.68
C THR G 105 14.27 -2.64 4.99
N ILE G 106 14.82 -2.95 6.16
CA ILE G 106 16.06 -2.37 6.62
C ILE G 106 17.21 -2.90 5.76
N ALA G 107 18.19 -2.06 5.48
CA ALA G 107 19.34 -2.49 4.68
C ALA G 107 20.36 -3.08 5.64
N GLN G 108 21.15 -4.03 5.15
CA GLN G 108 22.15 -4.70 5.97
C GLN G 108 21.44 -5.15 7.24
N GLY G 109 20.14 -5.38 7.13
CA GLY G 109 19.35 -5.77 8.28
C GLY G 109 19.56 -7.19 8.76
N GLY G 110 19.38 -8.16 7.87
CA GLY G 110 19.52 -9.54 8.29
C GLY G 110 18.16 -10.04 8.70
N VAL G 111 18.09 -10.86 9.75
CA VAL G 111 16.81 -11.41 10.21
C VAL G 111 16.77 -11.98 11.64
N LEU G 112 15.56 -12.33 12.10
CA LEU G 112 15.39 -12.91 13.42
C LEU G 112 15.75 -14.38 13.32
N PRO G 113 16.59 -14.87 14.25
CA PRO G 113 17.04 -16.27 14.31
C PRO G 113 15.98 -17.34 14.61
N ASN G 114 14.83 -17.28 13.93
CA ASN G 114 13.79 -18.26 14.20
C ASN G 114 13.66 -19.37 13.18
N ILE G 115 13.78 -20.60 13.68
CA ILE G 115 13.65 -21.82 12.89
C ILE G 115 12.49 -22.61 13.51
N GLN G 116 12.13 -23.73 12.87
CA GLN G 116 11.11 -24.66 13.34
C GLN G 116 11.18 -26.02 12.55
N ALA G 117 11.06 -27.13 13.29
CA ALA G 117 11.10 -28.51 12.78
C ALA G 117 9.70 -29.00 12.57
N VAL G 118 9.57 -30.20 12.05
CA VAL G 118 8.31 -30.95 11.77
C VAL G 118 7.24 -30.69 12.84
N GLU H 39 21.68 17.98 2.71
CA GLU H 39 21.29 18.13 4.16
C GLU H 39 20.38 17.00 4.67
N SER H 40 20.16 16.96 5.99
CA SER H 40 19.31 15.92 6.58
C SER H 40 19.31 15.91 8.10
N TYR H 41 18.40 15.13 8.69
CA TYR H 41 18.23 15.05 10.14
C TYR H 41 19.40 14.43 10.90
N SER H 42 20.34 13.84 10.17
CA SER H 42 21.51 13.19 10.75
C SER H 42 22.01 13.74 12.10
N ILE H 43 22.38 15.01 12.14
CA ILE H 43 22.89 15.63 13.36
C ILE H 43 21.88 15.61 14.51
N TYR H 44 20.61 15.73 14.18
CA TYR H 44 19.56 15.72 15.19
C TYR H 44 19.37 14.30 15.68
N VAL H 45 19.44 13.36 14.75
CA VAL H 45 19.29 11.95 15.08
C VAL H 45 20.47 11.53 15.95
N TYR H 46 21.46 12.41 16.07
CA TYR H 46 22.65 12.10 16.83
C TYR H 46 22.56 12.60 18.25
N LYS H 47 22.35 13.90 18.41
CA LYS H 47 22.23 14.47 19.73
C LYS H 47 21.24 13.64 20.56
N VAL H 48 20.06 13.39 19.98
CA VAL H 48 19.03 12.61 20.67
C VAL H 48 19.55 11.24 21.05
N LEU H 49 20.33 10.65 20.16
CA LEU H 49 20.92 9.33 20.37
C LEU H 49 21.73 9.40 21.66
N LYS H 50 22.49 10.48 21.78
CA LYS H 50 23.31 10.68 22.95
C LYS H 50 22.37 10.89 24.14
N GLN H 51 21.24 11.56 23.91
CA GLN H 51 20.29 11.75 24.99
C GLN H 51 20.04 10.37 25.62
N VAL H 52 19.11 9.62 25.04
CA VAL H 52 18.74 8.29 25.55
C VAL H 52 19.84 7.23 25.59
N HIS H 53 21.08 7.62 25.29
CA HIS H 53 22.21 6.67 25.31
C HIS H 53 23.55 7.37 25.08
N PRO H 54 24.30 7.62 26.16
CA PRO H 54 25.59 8.29 25.99
C PRO H 54 26.77 7.33 25.78
N ASP H 55 26.85 6.34 26.66
CA ASP H 55 27.92 5.34 26.61
C ASP H 55 27.92 4.62 25.26
N THR H 56 26.85 4.82 24.49
CA THR H 56 26.68 4.17 23.20
C THR H 56 26.94 5.03 21.96
N GLY H 57 27.34 4.35 20.88
CA GLY H 57 27.63 5.03 19.62
C GLY H 57 26.69 4.64 18.48
N ILE H 58 27.20 4.70 17.25
CA ILE H 58 26.42 4.39 16.05
C ILE H 58 27.42 4.19 14.91
N SER H 59 26.94 3.70 13.76
CA SER H 59 27.81 3.51 12.60
C SER H 59 27.45 4.60 11.62
N SER H 60 27.41 4.28 10.33
CA SER H 60 27.03 5.29 9.33
C SER H 60 25.88 4.76 8.49
N LYS H 61 25.85 3.45 8.29
CA LYS H 61 24.80 2.80 7.53
C LYS H 61 23.57 2.87 8.44
N ALA H 62 23.80 2.54 9.71
CA ALA H 62 22.76 2.55 10.74
C ALA H 62 22.31 3.96 11.02
N GLY H 64 22.22 5.98 8.20
CA GLY H 64 21.47 6.16 6.97
C GLY H 64 20.05 5.73 7.22
N ILE H 65 19.90 4.59 7.89
CA ILE H 65 18.56 4.12 8.20
C ILE H 65 17.82 5.13 9.09
N ASN H 67 18.19 8.24 9.50
CA ASN H 67 17.95 9.33 8.57
C ASN H 67 16.86 8.99 7.54
N SER H 68 16.70 7.71 7.23
CA SER H 68 15.68 7.23 6.28
C SER H 68 14.39 6.98 7.04
N PHE H 69 14.52 6.87 8.35
CA PHE H 69 13.38 6.60 9.19
C PHE H 69 12.61 7.89 9.41
N VAL H 70 13.30 8.92 9.88
CA VAL H 70 12.67 10.18 10.14
C VAL H 70 11.76 10.59 9.00
N ASN H 71 12.32 10.74 7.80
CA ASN H 71 11.54 11.16 6.64
C ASN H 71 10.39 10.23 6.30
N ASP H 72 10.55 8.96 6.64
CA ASP H 72 9.51 7.98 6.37
C ASP H 72 8.25 8.21 7.20
N ILE H 73 8.41 8.61 8.47
CA ILE H 73 7.29 8.88 9.35
C ILE H 73 6.78 10.31 9.09
N PHE H 74 7.71 11.23 8.85
CA PHE H 74 7.31 12.58 8.54
C PHE H 74 6.30 12.43 7.41
N GLU H 75 6.80 11.91 6.31
CA GLU H 75 5.98 11.70 5.12
C GLU H 75 4.60 11.07 5.32
N ARG H 76 4.44 10.24 6.35
CA ARG H 76 3.14 9.60 6.59
C ARG H 76 2.21 10.51 7.39
N ILE H 77 2.78 11.14 8.43
CA ILE H 77 2.04 12.02 9.34
C ILE H 77 1.57 13.29 8.65
N ALA H 78 2.50 13.98 8.02
CA ALA H 78 2.09 15.18 7.34
C ALA H 78 1.09 14.76 6.24
N GLY H 79 1.26 13.55 5.70
CA GLY H 79 0.33 13.12 4.68
C GLY H 79 -1.08 12.98 5.24
N GLU H 80 -1.33 11.86 5.93
CA GLU H 80 -2.63 11.57 6.54
C GLU H 80 -3.20 12.75 7.37
N ALA H 81 -2.35 13.73 7.67
CA ALA H 81 -2.81 14.89 8.41
C ALA H 81 -3.27 15.87 7.33
N SER H 82 -2.64 15.77 6.15
CA SER H 82 -2.96 16.61 4.99
C SER H 82 -4.24 16.08 4.39
N ARG H 83 -4.42 14.77 4.48
CA ARG H 83 -5.60 14.08 3.95
C ARG H 83 -6.73 14.44 4.93
N LEU H 84 -6.32 14.85 6.13
CA LEU H 84 -7.27 15.19 7.17
C LEU H 84 -7.84 16.58 7.06
N ALA H 85 -6.97 17.58 7.01
CA ALA H 85 -7.45 18.96 6.90
C ALA H 85 -8.23 19.12 5.60
N HIS H 86 -8.18 18.10 4.76
CA HIS H 86 -8.88 18.14 3.48
C HIS H 86 -10.31 17.66 3.59
N TYR H 87 -10.52 16.49 4.17
CA TYR H 87 -11.88 15.96 4.31
C TYR H 87 -12.87 16.92 4.98
N ASN H 88 -12.30 17.85 5.75
CA ASN H 88 -13.05 18.83 6.53
C ASN H 88 -12.88 20.28 6.01
N LYS H 89 -12.79 20.43 4.70
CA LYS H 89 -12.66 21.71 4.02
C LYS H 89 -11.61 22.65 4.62
N ARG H 90 -11.24 22.44 5.87
CA ARG H 90 -10.23 23.27 6.49
C ARG H 90 -9.05 23.30 5.50
N SER H 91 -8.45 24.48 5.31
CA SER H 91 -7.30 24.62 4.41
C SER H 91 -6.06 24.97 5.23
N THR H 92 -6.03 24.44 6.44
CA THR H 92 -4.93 24.64 7.35
C THR H 92 -4.77 23.43 8.28
N ILE H 93 -3.51 23.05 8.51
CA ILE H 93 -3.16 21.91 9.35
C ILE H 93 -2.92 22.33 10.81
N THR H 94 -3.87 22.05 11.70
CA THR H 94 -3.73 22.42 13.10
C THR H 94 -2.80 21.48 13.87
N SER H 95 -2.59 21.75 15.15
CA SER H 95 -1.75 20.87 15.94
C SER H 95 -2.67 19.69 16.23
N ARG H 96 -3.96 19.92 16.04
CA ARG H 96 -4.98 18.89 16.27
C ARG H 96 -5.04 17.94 15.08
N GLU H 97 -4.75 18.43 13.88
CA GLU H 97 -4.76 17.58 12.70
C GLU H 97 -3.68 16.53 12.94
N ILE H 98 -2.44 16.99 13.11
CA ILE H 98 -1.28 16.12 13.36
C ILE H 98 -1.56 15.15 14.50
N GLN H 99 -2.37 15.57 15.46
CA GLN H 99 -2.69 14.68 16.58
C GLN H 99 -3.56 13.51 16.14
N THR H 100 -4.79 13.82 15.78
CA THR H 100 -5.69 12.80 15.31
C THR H 100 -5.02 12.12 14.13
N ALA H 101 -3.98 12.73 13.57
CA ALA H 101 -3.27 12.10 12.44
C ALA H 101 -2.31 11.03 12.94
N VAL H 102 -1.56 11.34 14.00
CA VAL H 102 -0.64 10.38 14.61
C VAL H 102 -1.52 9.27 15.16
N ARG H 103 -2.52 9.69 15.92
CA ARG H 103 -3.52 8.82 16.52
C ARG H 103 -3.90 7.70 15.54
N LEU H 104 -4.02 8.02 14.25
CA LEU H 104 -4.40 7.06 13.22
C LEU H 104 -3.29 6.23 12.55
N LEU H 105 -2.05 6.72 12.66
CA LEU H 105 -0.88 6.07 12.04
C LEU H 105 -0.04 5.20 12.96
N LEU H 106 0.12 5.63 14.20
CA LEU H 106 0.90 4.89 15.19
C LEU H 106 -0.09 3.99 15.96
N PRO H 107 0.28 2.71 16.14
CA PRO H 107 -0.50 1.68 16.83
C PRO H 107 -0.65 1.81 18.35
N GLY H 108 -1.60 1.05 18.90
CA GLY H 108 -1.88 1.06 20.32
C GLY H 108 -0.97 1.82 21.26
N GLU H 109 0.08 1.16 21.72
CA GLU H 109 0.98 1.77 22.67
C GLU H 109 1.93 2.84 22.17
N LEU H 110 2.36 2.72 20.91
CA LEU H 110 3.28 3.71 20.34
C LEU H 110 2.52 5.01 20.27
N ALA H 111 1.27 4.94 19.82
CA ALA H 111 0.44 6.12 19.71
C ALA H 111 0.42 6.94 20.99
N LYS H 112 -0.18 6.40 22.06
CA LYS H 112 -0.31 7.10 23.34
C LYS H 112 0.86 7.99 23.76
N HIS H 113 2.08 7.49 23.62
CA HIS H 113 3.24 8.26 24.01
C HIS H 113 3.64 9.41 23.07
N ALA H 114 3.29 9.30 21.79
CA ALA H 114 3.61 10.33 20.81
C ALA H 114 2.64 11.48 21.03
N VAL H 115 1.58 11.20 21.77
CA VAL H 115 0.58 12.19 22.07
C VAL H 115 1.09 13.08 23.23
N SER H 116 1.43 12.44 24.35
CA SER H 116 1.93 13.14 25.53
C SER H 116 3.26 13.88 25.23
N GLU H 117 3.94 13.53 24.14
CA GLU H 117 5.19 14.20 23.78
C GLU H 117 4.85 15.32 22.84
N GLY H 118 3.59 15.35 22.42
CA GLY H 118 3.10 16.37 21.51
C GLY H 118 2.22 17.39 22.20
N THR H 119 1.14 16.93 22.81
CA THR H 119 0.22 17.81 23.52
C THR H 119 0.88 18.29 24.80
N LYS H 120 2.20 18.21 24.83
CA LYS H 120 3.00 18.62 25.96
C LYS H 120 4.20 19.38 25.40
N ALA H 121 4.28 19.40 24.07
CA ALA H 121 5.35 20.09 23.39
C ALA H 121 4.76 21.38 22.85
N VAL H 122 3.43 21.45 22.78
CA VAL H 122 2.72 22.65 22.28
C VAL H 122 2.58 23.64 23.41
N THR H 123 2.33 23.08 24.59
CA THR H 123 2.17 23.86 25.79
C THR H 123 3.46 24.54 26.18
N LYS H 124 4.50 23.75 26.45
CA LYS H 124 5.80 24.32 26.82
C LYS H 124 6.38 25.19 25.70
N TYR H 125 5.62 25.35 24.63
CA TYR H 125 6.06 26.19 23.54
C TYR H 125 5.26 27.48 23.64
N THR H 126 3.98 27.34 23.98
CA THR H 126 3.08 28.48 24.08
C THR H 126 3.23 29.34 25.32
N SER H 127 3.05 28.73 26.49
CA SER H 127 3.14 29.47 27.72
C SER H 127 4.55 30.01 28.02
N ALA H 128 5.57 29.48 27.33
CA ALA H 128 6.96 29.91 27.54
C ALA H 128 7.64 30.41 26.26
#